data_2C47
#
_entry.id   2C47
#
_cell.length_a   93.959
_cell.length_b   97.088
_cell.length_c   185.914
_cell.angle_alpha   90.00
_cell.angle_beta   90.00
_cell.angle_gamma   90.00
#
_symmetry.space_group_name_H-M   'P 21 21 21'
#
loop_
_entity.id
_entity.type
_entity.pdbx_description
1 polymer 'CASEIN KINASE 1 GAMMA 2 ISOFORM'
2 non-polymer (2R,3R,4S,5R)-2-(4-AMINO-5-IODO-7H-PYRROLO[2,3-D]PYRIMIDIN-7-YL)-5-(HYDROXYMETHYL)TETRAHYDROFURAN-3,4-DIOL
3 non-polymer 'MAGNESIUM ION'
4 water water
#
_entity_poly.entity_id   1
_entity_poly.type   'polypeptide(L)'
_entity_poly.pdbx_seq_one_letter_code
;SMGPNFRVGKKIGCGNFGELRLGKNLYTNEYVAIKLEPIKSRAPQLHLEYRFYKQLSATEGVPQVYYFGP(CSD)GKYNA
MVLELLGPSLEDLFDLCDRTFTLKTVLMIAIQLITRMEYVHTKSLIYRDVKPENFLVGRPGTKRQHAIHIIDFGLAKEYI
DPETKKHIPYREHKSLTGTARYMSINTHLGKEQSRRDDLEALGHMFMYFLRGSLPWQGLKADTLKERYQKIGDTKRATPI
EVLCENFPEEMATYLRYVRRLDFFEKPDYDYLRKLFTDLFDRSGFVFDYEYDWAGKPLPTPIGTVHTDLPSQPQLRD
;
_entity_poly.pdbx_strand_id   A,B,C,D
#
# COMPACT_ATOMS: atom_id res chain seq x y z
N PRO A 4 -7.53 45.04 24.54
CA PRO A 4 -6.11 45.45 24.49
C PRO A 4 -5.61 45.74 23.05
N ASN A 5 -4.31 45.56 22.82
CA ASN A 5 -3.70 45.76 21.49
C ASN A 5 -3.29 44.46 20.82
N PHE A 6 -3.81 44.29 19.62
CA PHE A 6 -3.67 43.06 18.88
C PHE A 6 -3.24 43.36 17.46
N ARG A 7 -2.48 42.46 16.89
CA ARG A 7 -2.21 42.51 15.47
C ARG A 7 -2.80 41.28 14.81
N VAL A 8 -3.18 41.45 13.55
CA VAL A 8 -3.86 40.41 12.79
C VAL A 8 -2.95 39.84 11.67
N GLY A 9 -2.99 38.52 11.53
CA GLY A 9 -2.19 37.80 10.56
C GLY A 9 -3.01 37.07 9.51
N LYS A 10 -2.61 35.85 9.21
CA LYS A 10 -3.19 35.06 8.09
C LYS A 10 -4.51 34.38 8.44
N LYS A 11 -5.25 34.00 7.40
CA LYS A 11 -6.46 33.20 7.51
C LYS A 11 -6.18 31.84 8.19
N ILE A 12 -7.12 31.41 9.03
CA ILE A 12 -7.14 30.06 9.56
C ILE A 12 -8.59 29.61 9.64
N GLU A 19 -14.79 34.67 8.63
CA GLU A 19 -13.34 34.76 8.43
C GLU A 19 -12.69 34.71 9.79
N LEU A 20 -11.77 33.77 9.98
CA LEU A 20 -11.03 33.63 11.21
C LEU A 20 -9.58 33.80 10.85
N ARG A 21 -8.87 34.62 11.63
CA ARG A 21 -7.45 34.90 11.41
C ARG A 21 -6.61 34.58 12.62
N LEU A 22 -5.33 34.30 12.38
CA LEU A 22 -4.37 34.24 13.47
C LEU A 22 -3.97 35.68 13.83
N GLY A 23 -3.73 35.91 15.12
CA GLY A 23 -3.30 37.20 15.62
C GLY A 23 -2.36 37.07 16.79
N LYS A 24 -1.95 38.21 17.33
CA LYS A 24 -1.00 38.23 18.42
C LYS A 24 -1.36 39.39 19.36
N ASN A 25 -1.27 39.11 20.66
CA ASN A 25 -1.32 40.15 21.67
C ASN A 25 0.04 40.80 21.70
N LEU A 26 0.08 42.09 21.49
CA LEU A 26 1.33 42.84 21.34
C LEU A 26 2.20 42.93 22.61
N TYR A 27 1.57 42.92 23.78
CA TYR A 27 2.30 43.08 25.03
C TYR A 27 2.71 41.75 25.64
N THR A 28 1.96 40.68 25.39
CA THR A 28 2.30 39.37 25.91
C THR A 28 3.06 38.53 24.87
N ASN A 29 2.93 38.90 23.60
CA ASN A 29 3.37 38.07 22.48
C ASN A 29 2.66 36.70 22.42
N GLU A 30 1.48 36.60 23.03
CA GLU A 30 0.65 35.40 22.97
C GLU A 30 -0.15 35.42 21.68
N TYR A 31 -0.25 34.28 21.00
CA TYR A 31 -1.15 34.14 19.87
C TYR A 31 -2.61 34.12 20.28
N VAL A 32 -3.46 34.62 19.39
CA VAL A 32 -4.90 34.62 19.60
C VAL A 32 -5.60 34.30 18.26
N ALA A 33 -6.90 34.08 18.32
CA ALA A 33 -7.72 33.90 17.14
C ALA A 33 -8.58 35.14 16.99
N ILE A 34 -8.78 35.60 15.78
CA ILE A 34 -9.53 36.82 15.56
C ILE A 34 -10.60 36.52 14.53
N LYS A 35 -11.86 36.66 14.94
CA LYS A 35 -13.01 36.47 14.05
C LYS A 35 -13.41 37.84 13.52
N LEU A 36 -13.60 37.96 12.20
CA LEU A 36 -13.82 39.25 11.56
C LEU A 36 -15.16 39.30 10.83
N GLU A 37 -15.86 40.43 10.98
CA GLU A 37 -17.09 40.68 10.23
C GLU A 37 -17.04 42.08 9.62
N PRO A 38 -17.35 42.20 8.34
CA PRO A 38 -17.37 43.50 7.71
C PRO A 38 -18.16 44.51 8.53
N ILE A 39 -17.55 45.66 8.77
CA ILE A 39 -18.12 46.70 9.59
C ILE A 39 -19.40 47.23 8.97
N LYS A 40 -19.45 47.21 7.64
CA LYS A 40 -20.61 47.68 6.88
C LYS A 40 -21.61 46.58 6.60
N SER A 41 -21.65 45.56 7.42
CA SER A 41 -22.55 44.46 7.17
C SER A 41 -24.03 44.87 7.36
N ARG A 42 -24.86 44.52 6.39
CA ARG A 42 -26.31 44.35 6.60
C ARG A 42 -26.41 42.95 7.23
N ALA A 43 -27.16 42.83 8.31
CA ALA A 43 -27.19 41.60 9.11
C ALA A 43 -25.89 41.31 9.89
N PRO A 44 -25.42 42.27 10.71
CA PRO A 44 -24.34 41.97 11.63
C PRO A 44 -24.72 40.98 12.72
N GLN A 45 -23.96 39.90 12.83
CA GLN A 45 -24.23 38.89 13.80
C GLN A 45 -23.10 38.71 14.84
N LEU A 46 -21.91 39.19 14.56
CA LEU A 46 -20.76 38.90 15.42
C LEU A 46 -20.91 39.48 16.82
N HIS A 47 -21.51 40.65 16.93
CA HIS A 47 -21.76 41.28 18.23
C HIS A 47 -22.67 40.44 19.09
N LEU A 48 -23.62 39.75 18.44
CA LEU A 48 -24.55 38.84 19.14
C LEU A 48 -23.84 37.61 19.70
N GLU A 49 -22.90 37.08 18.91
CA GLU A 49 -22.10 35.96 19.33
C GLU A 49 -21.14 36.37 20.46
N TYR A 50 -20.59 37.56 20.39
CA TYR A 50 -19.83 38.13 21.49
C TYR A 50 -20.62 38.10 22.79
N ARG A 51 -21.87 38.54 22.71
CA ARG A 51 -22.79 38.57 23.84
C ARG A 51 -22.93 37.23 24.54
N PHE A 52 -23.12 36.20 23.71
CA PHE A 52 -23.21 34.84 24.18
C PHE A 52 -21.93 34.42 24.88
N TYR A 53 -20.76 34.64 24.28
CA TYR A 53 -19.52 34.21 24.94
C TYR A 53 -19.36 34.86 26.30
N LYS A 54 -19.83 36.11 26.42
CA LYS A 54 -19.71 36.85 27.67
C LYS A 54 -20.67 36.29 28.73
N GLN A 55 -21.90 36.00 28.32
CA GLN A 55 -22.84 35.23 29.17
C GLN A 55 -22.20 33.94 29.71
N LEU A 56 -21.34 33.31 28.92
CA LEU A 56 -20.69 32.06 29.29
C LEU A 56 -19.25 32.20 29.85
N SER A 57 -18.81 33.44 30.14
CA SER A 57 -17.40 33.70 30.45
C SER A 57 -16.85 32.87 31.61
N ALA A 58 -17.69 32.64 32.60
CA ALA A 58 -17.22 32.16 33.91
C ALA A 58 -16.82 30.68 33.94
N THR A 59 -16.78 30.01 32.78
CA THR A 59 -16.29 28.62 32.72
C THR A 59 -15.03 28.53 31.88
N GLU A 60 -14.24 27.50 32.16
CA GLU A 60 -13.00 27.25 31.44
C GLU A 60 -13.23 26.34 30.22
N GLY A 61 -14.48 25.97 29.97
CA GLY A 61 -14.78 25.14 28.79
C GLY A 61 -15.11 25.89 27.52
N VAL A 62 -15.09 27.23 27.59
CA VAL A 62 -15.20 28.09 26.41
C VAL A 62 -13.92 28.87 26.25
N PRO A 63 -13.61 29.28 25.01
CA PRO A 63 -12.50 30.22 24.85
C PRO A 63 -12.77 31.55 25.58
N GLN A 64 -11.72 32.14 26.13
CA GLN A 64 -11.86 33.50 26.63
C GLN A 64 -11.98 34.43 25.45
N VAL A 65 -12.75 35.50 25.64
CA VAL A 65 -12.83 36.60 24.67
C VAL A 65 -12.13 37.81 25.28
N TYR A 66 -11.32 38.50 24.47
CA TYR A 66 -10.48 39.57 24.97
C TYR A 66 -10.93 40.93 24.46
N TYR A 67 -11.67 40.98 23.36
CA TYR A 67 -12.02 42.23 22.72
C TYR A 67 -13.15 42.04 21.69
N PHE A 68 -14.04 43.00 21.63
CA PHE A 68 -14.92 43.16 20.51
C PHE A 68 -14.98 44.64 20.11
N GLY A 69 -14.78 44.91 18.83
CA GLY A 69 -14.81 46.27 18.29
C GLY A 69 -14.17 46.35 16.92
N PRO A 70 -13.94 47.58 16.40
CA PRO A 70 -13.31 47.78 15.08
C PRO A 70 -11.81 47.40 14.97
N GLY A 72 -10.20 48.16 11.65
CA GLY A 72 -10.18 48.63 10.28
C GLY A 72 -11.55 48.61 9.63
N LYS A 73 -11.65 48.01 8.45
CA LYS A 73 -12.91 47.87 7.71
C LYS A 73 -13.79 46.70 8.25
N TYR A 74 -13.45 46.20 9.43
CA TYR A 74 -14.14 45.10 10.06
C TYR A 74 -14.43 45.40 11.51
N ASN A 75 -15.39 44.67 12.05
CA ASN A 75 -15.50 44.45 13.46
C ASN A 75 -14.79 43.17 13.75
N ALA A 76 -14.20 43.09 14.94
CA ALA A 76 -13.39 41.97 15.31
C ALA A 76 -13.70 41.46 16.70
N MET A 77 -13.70 40.15 16.82
CA MET A 77 -13.80 39.50 18.10
C MET A 77 -12.56 38.72 18.33
N VAL A 78 -11.82 39.08 19.38
CA VAL A 78 -10.53 38.48 19.65
C VAL A 78 -10.72 37.44 20.73
N LEU A 79 -10.31 36.21 20.45
CA LEU A 79 -10.51 35.14 21.41
C LEU A 79 -9.27 34.31 21.58
N GLU A 80 -9.27 33.57 22.67
CA GLU A 80 -8.26 32.58 22.97
C GLU A 80 -8.08 31.59 21.83
N LEU A 81 -6.83 31.28 21.56
CA LEU A 81 -6.50 30.31 20.54
C LEU A 81 -6.42 28.92 21.16
N LEU A 82 -7.21 28.00 20.61
CA LEU A 82 -7.33 26.65 21.12
C LEU A 82 -6.67 25.65 20.14
N GLY A 83 -6.80 24.34 20.40
CA GLY A 83 -6.19 23.31 19.58
C GLY A 83 -7.13 22.84 18.48
N PRO A 84 -6.84 21.65 17.91
CA PRO A 84 -7.66 21.03 16.87
C PRO A 84 -9.05 20.62 17.33
N SER A 85 -9.96 20.49 16.38
CA SER A 85 -11.31 20.06 16.65
C SER A 85 -11.32 18.55 16.75
N LEU A 86 -12.40 18.01 17.29
CA LEU A 86 -12.56 16.56 17.39
C LEU A 86 -12.65 15.96 16.01
N GLU A 87 -13.14 16.70 15.02
CA GLU A 87 -13.16 16.20 13.65
C GLU A 87 -11.74 16.08 13.08
N ASP A 88 -10.89 17.06 13.39
CA ASP A 88 -9.48 17.03 13.01
C ASP A 88 -8.77 15.80 13.57
N LEU A 89 -9.03 15.58 14.86
CA LEU A 89 -8.45 14.47 15.61
C LEU A 89 -9.08 13.15 15.17
N PHE A 90 -10.35 13.20 14.79
CA PHE A 90 -11.04 12.02 14.28
C PHE A 90 -10.34 11.52 13.01
N ASP A 91 -10.07 12.45 12.10
CA ASP A 91 -9.31 12.15 10.88
C ASP A 91 -7.94 11.60 11.18
N LEU A 92 -7.24 12.22 12.13
CA LEU A 92 -5.95 11.73 12.61
C LEU A 92 -5.97 10.31 13.09
N CYS A 93 -7.08 9.90 13.69
CA CYS A 93 -7.21 8.56 14.27
C CYS A 93 -7.97 7.60 13.33
N ASP A 94 -7.86 7.85 12.03
CA ASP A 94 -8.48 7.00 11.00
C ASP A 94 -9.98 6.82 11.19
N ARG A 95 -10.63 7.90 11.60
CA ARG A 95 -12.10 8.02 11.64
C ARG A 95 -12.78 6.88 12.40
N THR A 96 -12.20 6.55 13.55
CA THR A 96 -12.88 5.81 14.62
C THR A 96 -12.24 6.25 15.93
N PHE A 97 -13.02 6.25 17.01
CA PHE A 97 -12.50 6.46 18.38
C PHE A 97 -12.80 5.23 19.23
N THR A 98 -11.89 4.94 20.16
CA THR A 98 -12.09 3.92 21.15
C THR A 98 -13.14 4.37 22.17
N LEU A 99 -13.72 3.40 22.87
CA LEU A 99 -14.76 3.66 23.85
C LEU A 99 -14.28 4.61 24.94
N LYS A 100 -13.08 4.38 25.46
CA LYS A 100 -12.54 5.21 26.52
C LYS A 100 -12.54 6.67 26.09
N THR A 101 -12.06 6.95 24.88
CA THR A 101 -11.95 8.32 24.37
C THR A 101 -13.30 8.94 24.12
N VAL A 102 -14.22 8.19 23.53
CA VAL A 102 -15.58 8.70 23.37
C VAL A 102 -16.23 9.03 24.74
N LEU A 103 -15.99 8.20 25.75
CA LEU A 103 -16.59 8.42 27.06
C LEU A 103 -16.02 9.65 27.76
N MET A 104 -14.72 9.84 27.65
CA MET A 104 -14.08 11.04 28.21
C MET A 104 -14.61 12.30 27.55
N ILE A 105 -14.75 12.25 26.23
CA ILE A 105 -15.38 13.32 25.48
C ILE A 105 -16.79 13.54 26.00
N ALA A 106 -17.59 12.47 26.00
CA ALA A 106 -19.03 12.54 26.31
C ALA A 106 -19.33 13.10 27.69
N ILE A 107 -18.55 12.67 28.68
CA ILE A 107 -18.76 13.10 30.07
C ILE A 107 -18.52 14.60 30.17
N GLN A 108 -17.44 15.04 29.53
CA GLN A 108 -17.11 16.47 29.43
C GLN A 108 -18.18 17.29 28.74
N LEU A 109 -18.68 16.80 27.60
CA LEU A 109 -19.63 17.57 26.78
C LEU A 109 -21.05 17.62 27.34
N ILE A 110 -21.46 16.58 28.04
CA ILE A 110 -22.72 16.68 28.80
C ILE A 110 -22.61 17.83 29.81
N THR A 111 -21.48 17.89 30.53
CA THR A 111 -21.24 18.96 31.50
C THR A 111 -21.16 20.33 30.81
N ARG A 112 -20.48 20.36 29.67
CA ARG A 112 -20.36 21.58 28.89
C ARG A 112 -21.76 22.07 28.45
N MET A 113 -22.55 21.15 27.90
CA MET A 113 -23.91 21.47 27.47
C MET A 113 -24.80 21.86 28.64
N GLU A 114 -24.67 21.16 29.75
CA GLU A 114 -25.40 21.57 30.94
C GLU A 114 -25.06 23.01 31.26
N TYR A 115 -23.78 23.39 31.22
CA TYR A 115 -23.42 24.76 31.60
C TYR A 115 -24.01 25.80 30.63
N VAL A 116 -23.98 25.50 29.34
CA VAL A 116 -24.62 26.39 28.37
C VAL A 116 -26.10 26.52 28.73
N HIS A 117 -26.78 25.40 28.96
CA HIS A 117 -28.22 25.42 29.31
C HIS A 117 -28.48 26.17 30.60
N THR A 118 -27.62 25.97 31.58
CA THR A 118 -27.70 26.67 32.86
C THR A 118 -27.60 28.20 32.68
N LYS A 119 -26.93 28.66 31.64
CA LYS A 119 -26.86 30.09 31.37
C LYS A 119 -27.93 30.52 30.38
N SER A 120 -29.03 29.77 30.33
CA SER A 120 -30.25 30.13 29.61
C SER A 120 -30.14 30.13 28.10
N LEU A 121 -29.18 29.38 27.58
CA LEU A 121 -28.97 29.26 26.14
C LEU A 121 -29.04 27.82 25.69
N ILE A 122 -29.59 27.65 24.49
CA ILE A 122 -29.46 26.43 23.74
C ILE A 122 -28.51 26.71 22.55
N TYR A 123 -27.81 25.67 22.13
CA TYR A 123 -26.63 25.78 21.27
C TYR A 123 -26.96 25.58 19.80
N ARG A 124 -27.61 24.47 19.49
CA ARG A 124 -28.20 24.27 18.18
C ARG A 124 -27.24 24.14 17.01
N ASP A 125 -25.96 23.82 17.29
CA ASP A 125 -24.93 23.60 16.26
C ASP A 125 -23.86 22.59 16.72
N VAL A 126 -24.34 21.50 17.30
CA VAL A 126 -23.49 20.40 17.69
C VAL A 126 -22.91 19.75 16.44
N LYS A 127 -21.60 19.66 16.40
CA LYS A 127 -20.89 18.91 15.38
C LYS A 127 -19.45 18.88 15.84
N PRO A 128 -18.68 17.85 15.41
CA PRO A 128 -17.31 17.64 15.95
C PRO A 128 -16.32 18.78 15.62
N GLU A 129 -16.61 19.53 14.56
CA GLU A 129 -15.83 20.71 14.19
C GLU A 129 -15.87 21.82 15.23
N ASN A 130 -16.91 21.82 16.06
CA ASN A 130 -17.15 22.88 17.05
C ASN A 130 -16.73 22.53 18.45
N PHE A 131 -16.01 21.42 18.62
CA PHE A 131 -15.42 21.10 19.92
C PHE A 131 -13.92 20.93 19.77
N LEU A 132 -13.18 21.74 20.53
CA LEU A 132 -11.75 21.81 20.37
C LEU A 132 -11.01 21.45 21.65
N VAL A 133 -9.94 20.72 21.50
CA VAL A 133 -9.05 20.50 22.61
C VAL A 133 -8.35 21.82 22.88
N GLY A 134 -7.68 21.93 24.02
CA GLY A 134 -6.88 23.11 24.32
C GLY A 134 -5.63 23.12 23.46
N ARG A 135 -4.91 24.22 23.53
CA ARG A 135 -3.72 24.41 22.73
C ARG A 135 -2.63 23.51 23.29
N PRO A 136 -1.99 22.71 22.42
CA PRO A 136 -0.89 21.83 22.84
C PRO A 136 0.08 22.56 23.75
N GLY A 137 0.49 21.93 24.85
CA GLY A 137 1.43 22.53 25.79
C GLY A 137 0.81 23.34 26.92
N THR A 138 -0.46 23.73 26.83
CA THR A 138 -1.08 24.55 27.89
C THR A 138 -1.67 23.71 29.03
N LYS A 139 -2.04 24.39 30.11
CA LYS A 139 -2.63 23.73 31.28
C LYS A 139 -3.90 22.98 30.92
N ARG A 140 -4.82 23.65 30.23
CA ARG A 140 -6.07 23.03 29.79
C ARG A 140 -5.98 22.34 28.40
N GLN A 141 -4.80 21.85 28.02
CA GLN A 141 -4.65 21.28 26.67
C GLN A 141 -5.51 20.06 26.44
N HIS A 142 -5.82 19.38 27.54
CA HIS A 142 -6.60 18.14 27.44
CA HIS A 142 -6.59 18.12 27.64
C HIS A 142 -8.11 18.32 27.59
N ALA A 143 -8.55 19.52 27.94
CA ALA A 143 -9.96 19.83 28.10
C ALA A 143 -10.59 20.02 26.74
N ILE A 144 -11.86 19.65 26.64
CA ILE A 144 -12.61 19.87 25.41
C ILE A 144 -13.45 21.13 25.58
N HIS A 145 -13.45 21.98 24.57
CA HIS A 145 -14.07 23.29 24.62
C HIS A 145 -15.17 23.37 23.58
N ILE A 146 -16.12 24.25 23.83
CA ILE A 146 -17.20 24.50 22.89
C ILE A 146 -17.04 25.91 22.29
N ILE A 147 -17.17 25.98 20.98
CA ILE A 147 -17.01 27.22 20.24
C ILE A 147 -18.22 27.43 19.31
N ASP A 148 -18.29 28.62 18.74
CA ASP A 148 -19.22 28.98 17.70
C ASP A 148 -20.68 28.96 18.13
N PHE A 149 -21.08 30.12 18.65
CA PHE A 149 -22.44 30.37 19.11
C PHE A 149 -23.26 31.17 18.10
N GLY A 150 -22.89 31.05 16.83
CA GLY A 150 -23.63 31.70 15.75
C GLY A 150 -25.06 31.25 15.63
N LEU A 151 -25.35 29.99 15.99
CA LEU A 151 -26.71 29.45 15.95
C LEU A 151 -27.38 29.42 17.31
N ALA A 152 -26.68 29.82 18.37
CA ALA A 152 -27.25 29.71 19.72
C ALA A 152 -28.44 30.63 19.85
N LYS A 153 -29.22 30.40 20.90
CA LYS A 153 -30.47 31.11 21.19
C LYS A 153 -30.79 31.06 22.69
N GLU A 154 -31.26 32.18 23.26
CA GLU A 154 -31.82 32.20 24.62
C GLU A 154 -33.15 31.46 24.65
N TYR A 155 -33.26 30.43 25.49
CA TYR A 155 -34.54 29.71 25.66
C TYR A 155 -35.35 30.17 26.87
N ILE A 156 -34.78 31.05 27.66
CA ILE A 156 -35.51 31.69 28.73
C ILE A 156 -35.58 33.18 28.46
N ASP A 157 -36.80 33.69 28.25
CA ASP A 157 -37.02 35.12 28.08
C ASP A 157 -36.54 35.84 29.35
N PRO A 158 -35.75 36.91 29.20
CA PRO A 158 -35.09 37.46 30.38
C PRO A 158 -36.01 38.36 31.24
N GLU A 159 -37.00 39.02 30.65
CA GLU A 159 -38.01 39.67 31.49
C GLU A 159 -38.92 38.62 32.16
N THR A 160 -39.64 37.83 31.36
CA THR A 160 -40.67 36.93 31.91
C THR A 160 -40.07 35.80 32.73
N LYS A 161 -38.80 35.52 32.51
CA LYS A 161 -38.09 34.39 33.16
C LYS A 161 -38.69 33.03 32.79
N LYS A 162 -39.45 32.99 31.69
CA LYS A 162 -40.18 31.80 31.28
C LYS A 162 -39.58 31.22 29.98
N HIS A 163 -39.68 29.92 29.85
CA HIS A 163 -39.16 29.16 28.70
C HIS A 163 -39.86 29.59 27.42
N ILE A 164 -39.13 29.66 26.32
CA ILE A 164 -39.71 30.04 25.05
C ILE A 164 -40.84 29.08 24.65
N PRO A 165 -41.86 29.60 23.93
CA PRO A 165 -43.00 28.77 23.54
C PRO A 165 -42.68 27.69 22.52
N TYR A 166 -43.44 26.60 22.59
CA TYR A 166 -43.34 25.53 21.61
C TYR A 166 -43.83 26.10 20.29
N ARG A 167 -43.18 25.71 19.20
CA ARG A 167 -43.46 26.27 17.88
C ARG A 167 -43.10 25.20 16.83
N GLU A 168 -43.80 25.20 15.72
CA GLU A 168 -43.57 24.26 14.64
C GLU A 168 -43.20 25.00 13.36
N HIS A 169 -42.94 24.24 12.29
CA HIS A 169 -42.64 24.76 10.95
C HIS A 169 -41.44 25.73 10.91
N LYS A 170 -40.45 25.47 11.76
CA LYS A 170 -39.19 26.17 11.69
C LYS A 170 -38.45 25.69 10.46
N SER A 171 -37.63 26.57 9.90
CA SER A 171 -36.91 26.25 8.68
C SER A 171 -35.53 25.82 9.13
N LEU A 172 -34.95 24.88 8.38
CA LEU A 172 -33.79 24.12 8.86
C LEU A 172 -32.44 24.74 8.48
N THR A 173 -31.69 25.05 9.50
CA THR A 173 -30.32 25.46 9.39
C THR A 173 -29.61 24.57 10.38
N GLY A 174 -28.39 24.15 10.04
CA GLY A 174 -27.69 23.18 10.87
C GLY A 174 -27.13 22.04 10.04
N THR A 175 -26.31 21.23 10.69
CA THR A 175 -25.64 20.13 10.05
C THR A 175 -26.60 18.97 10.15
N ALA A 176 -27.16 18.60 9.00
CA ALA A 176 -28.20 17.60 8.94
C ALA A 176 -27.82 16.33 9.67
N ARG A 177 -26.53 15.99 9.67
CA ARG A 177 -26.07 14.69 10.15
C ARG A 177 -26.30 14.43 11.63
N TYR A 178 -26.14 15.45 12.46
CA TYR A 178 -26.24 15.24 13.90
C TYR A 178 -27.59 15.65 14.46
N MET A 179 -28.40 16.37 13.67
CA MET A 179 -29.59 17.00 14.25
C MET A 179 -30.58 15.98 14.74
N SER A 180 -31.35 16.42 15.73
CA SER A 180 -32.35 15.58 16.37
C SER A 180 -33.48 15.31 15.39
N ILE A 181 -34.23 14.25 15.67
CA ILE A 181 -35.37 13.92 14.84
C ILE A 181 -36.42 15.07 14.90
N ASN A 182 -36.64 15.63 16.10
CA ASN A 182 -37.62 16.68 16.27
C ASN A 182 -37.22 17.97 15.57
N THR A 183 -35.91 18.21 15.46
CA THR A 183 -35.41 19.33 14.67
C THR A 183 -35.75 19.10 13.21
N HIS A 184 -35.41 17.91 12.71
CA HIS A 184 -35.79 17.55 11.36
C HIS A 184 -37.25 17.85 11.05
N LEU A 185 -38.11 17.65 12.05
CA LEU A 185 -39.54 17.83 11.87
C LEU A 185 -40.01 19.27 11.86
N GLY A 186 -39.09 20.22 12.04
CA GLY A 186 -39.43 21.64 12.05
C GLY A 186 -39.87 22.20 13.40
N LYS A 187 -39.63 21.46 14.47
CA LYS A 187 -39.98 21.95 15.80
C LYS A 187 -38.94 22.92 16.34
N GLU A 188 -39.40 23.85 17.15
CA GLU A 188 -38.51 24.70 17.92
C GLU A 188 -37.56 23.81 18.67
N GLN A 189 -36.27 24.07 18.54
CA GLN A 189 -35.28 23.32 19.29
C GLN A 189 -35.29 23.73 20.75
N SER A 190 -35.04 22.77 21.63
CA SER A 190 -34.86 23.06 23.05
C SER A 190 -33.73 22.17 23.58
N ARG A 191 -33.57 22.16 24.90
CA ARG A 191 -32.45 21.49 25.57
C ARG A 191 -32.23 20.08 25.08
N ARG A 192 -33.32 19.34 24.97
CA ARG A 192 -33.32 17.94 24.57
C ARG A 192 -32.55 17.74 23.28
N ASP A 193 -32.69 18.68 22.36
CA ASP A 193 -32.20 18.50 21.00
C ASP A 193 -30.68 18.61 20.95
N ASP A 194 -30.13 19.42 21.85
CA ASP A 194 -28.68 19.56 21.99
C ASP A 194 -28.10 18.24 22.47
N LEU A 195 -28.77 17.61 23.42
CA LEU A 195 -28.34 16.31 23.97
C LEU A 195 -28.52 15.14 22.99
N GLU A 196 -29.57 15.18 22.16
CA GLU A 196 -29.79 14.10 21.15
C GLU A 196 -28.70 14.19 20.11
N ALA A 197 -28.38 15.41 19.70
CA ALA A 197 -27.36 15.65 18.70
C ALA A 197 -26.00 15.18 19.19
N LEU A 198 -25.69 15.43 20.46
CA LEU A 198 -24.44 14.91 21.03
C LEU A 198 -24.43 13.40 20.90
N GLY A 199 -25.57 12.77 21.21
CA GLY A 199 -25.68 11.31 21.16
C GLY A 199 -25.39 10.74 19.78
N HIS A 200 -25.88 11.44 18.75
CA HIS A 200 -25.60 11.08 17.36
C HIS A 200 -24.13 11.20 17.07
N MET A 201 -23.51 12.24 17.60
CA MET A 201 -22.06 12.41 17.43
C MET A 201 -21.26 11.34 18.14
N PHE A 202 -21.69 10.95 19.33
CA PHE A 202 -21.00 9.87 20.03
C PHE A 202 -21.03 8.57 19.24
N MET A 203 -22.16 8.26 18.62
CA MET A 203 -22.26 7.05 17.81
C MET A 203 -21.43 7.13 16.55
N TYR A 204 -21.40 8.31 15.96
CA TYR A 204 -20.51 8.62 14.83
C TYR A 204 -19.06 8.24 15.16
N PHE A 205 -18.56 8.76 16.27
CA PHE A 205 -17.24 8.44 16.76
C PHE A 205 -16.96 6.97 16.93
N LEU A 206 -17.91 6.25 17.49
CA LEU A 206 -17.74 4.82 17.81
C LEU A 206 -17.78 3.95 16.55
N ARG A 207 -18.79 4.21 15.72
CA ARG A 207 -19.03 3.45 14.48
C ARG A 207 -18.10 3.83 13.37
N GLY A 208 -17.65 5.08 13.37
CA GLY A 208 -16.88 5.62 12.25
C GLY A 208 -17.77 6.41 11.31
N SER A 209 -19.06 6.08 11.28
CA SER A 209 -20.02 6.83 10.50
C SER A 209 -21.44 6.57 10.99
N LEU A 210 -22.40 7.32 10.45
CA LEU A 210 -23.82 7.16 10.73
C LEU A 210 -24.51 6.70 9.46
N PRO A 211 -25.54 5.86 9.60
CA PRO A 211 -26.10 5.23 8.41
C PRO A 211 -26.84 6.17 7.48
N TRP A 212 -27.05 7.42 7.91
CA TRP A 212 -27.71 8.40 7.04
C TRP A 212 -26.70 9.37 6.43
N GLN A 213 -25.41 9.14 6.69
CA GLN A 213 -24.37 9.85 5.96
C GLN A 213 -24.43 9.49 4.49
N GLY A 214 -24.09 10.45 3.64
CA GLY A 214 -23.94 10.21 2.22
C GLY A 214 -25.21 10.29 1.42
N LEU A 215 -26.32 10.62 2.07
CA LEU A 215 -27.61 10.71 1.40
C LEU A 215 -27.69 11.99 0.62
N LYS A 216 -28.26 11.90 -0.58
CA LYS A 216 -28.38 13.04 -1.47
C LYS A 216 -29.80 13.16 -1.99
N ALA A 217 -30.21 14.38 -2.31
CA ALA A 217 -31.56 14.67 -2.72
C ALA A 217 -31.56 15.78 -3.77
N ASP A 218 -32.73 16.01 -4.38
CA ASP A 218 -32.87 17.03 -5.43
C ASP A 218 -32.60 18.43 -4.92
N THR A 219 -32.80 18.66 -3.61
CA THR A 219 -32.51 19.94 -2.96
C THR A 219 -31.98 19.72 -1.56
N LEU A 220 -31.44 20.78 -0.97
CA LEU A 220 -30.95 20.72 0.39
C LEU A 220 -32.08 20.47 1.38
N LYS A 221 -33.23 21.08 1.07
CA LYS A 221 -34.46 20.88 1.88
C LYS A 221 -34.87 19.43 1.91
N GLU A 222 -34.93 18.82 0.73
CA GLU A 222 -35.24 17.40 0.60
C GLU A 222 -34.13 16.48 1.17
N ARG A 223 -32.87 16.91 1.13
CA ARG A 223 -31.80 16.13 1.76
C ARG A 223 -32.02 16.06 3.29
N TYR A 224 -32.35 17.20 3.89
CA TYR A 224 -32.76 17.22 5.31
C TYR A 224 -33.88 16.24 5.57
N GLN A 225 -34.90 16.26 4.71
CA GLN A 225 -36.05 15.35 4.88
C GLN A 225 -35.65 13.88 4.77
N LYS A 226 -34.85 13.56 3.75
CA LYS A 226 -34.40 12.19 3.49
C LYS A 226 -33.57 11.67 4.67
N ILE A 227 -32.73 12.52 5.23
CA ILE A 227 -31.89 12.14 6.36
C ILE A 227 -32.74 11.93 7.60
N GLY A 228 -33.74 12.78 7.78
CA GLY A 228 -34.69 12.64 8.88
C GLY A 228 -35.48 11.35 8.80
N ASP A 229 -35.99 11.03 7.60
CA ASP A 229 -36.71 9.75 7.38
C ASP A 229 -35.89 8.54 7.83
N THR A 230 -34.61 8.53 7.47
CA THR A 230 -33.70 7.44 7.77
C THR A 230 -33.37 7.36 9.25
N LYS A 231 -33.21 8.51 9.90
CA LYS A 231 -33.06 8.53 11.36
C LYS A 231 -34.28 7.91 12.05
N ARG A 232 -35.46 8.27 11.55
CA ARG A 232 -36.71 7.73 12.09
C ARG A 232 -36.88 6.25 11.80
N ALA A 233 -36.34 5.80 10.67
CA ALA A 233 -36.41 4.41 10.27
C ALA A 233 -35.25 3.57 10.78
N THR A 234 -34.36 4.13 11.59
CA THR A 234 -33.23 3.40 12.13
C THR A 234 -33.45 3.25 13.63
N PRO A 235 -33.77 2.03 14.07
CA PRO A 235 -33.94 1.79 15.48
C PRO A 235 -32.64 1.97 16.25
N ILE A 236 -32.74 2.55 17.44
CA ILE A 236 -31.60 2.72 18.33
C ILE A 236 -30.89 1.38 18.54
N GLU A 237 -31.65 0.29 18.60
CA GLU A 237 -31.11 -1.06 18.81
C GLU A 237 -30.14 -1.41 17.68
N VAL A 238 -30.48 -0.97 16.47
CA VAL A 238 -29.63 -1.18 15.29
C VAL A 238 -28.46 -0.20 15.26
N LEU A 239 -28.75 1.06 15.52
CA LEU A 239 -27.73 2.08 15.53
C LEU A 239 -26.64 1.79 16.56
N CYS A 240 -27.02 1.29 17.73
CA CYS A 240 -26.04 1.02 18.79
C CYS A 240 -25.68 -0.46 18.91
N GLU A 241 -26.14 -1.27 17.96
CA GLU A 241 -25.77 -2.69 17.88
C GLU A 241 -24.25 -2.88 17.99
N ASN A 242 -23.83 -3.81 18.85
CA ASN A 242 -22.39 -4.09 19.08
C ASN A 242 -21.66 -3.00 19.87
N PHE A 243 -22.41 -2.09 20.49
CA PHE A 243 -21.84 -1.09 21.41
C PHE A 243 -22.60 -1.14 22.74
N PRO A 244 -21.97 -0.68 23.84
CA PRO A 244 -22.60 -0.71 25.17
C PRO A 244 -24.06 -0.26 25.21
N GLU A 245 -24.83 -0.83 26.13
CA GLU A 245 -26.24 -0.52 26.24
C GLU A 245 -26.46 0.93 26.65
N GLU A 246 -25.53 1.48 27.44
CA GLU A 246 -25.59 2.86 27.90
C GLU A 246 -25.72 3.86 26.76
N MET A 247 -25.18 3.53 25.61
CA MET A 247 -25.30 4.40 24.43
C MET A 247 -26.75 4.50 24.00
N ALA A 248 -27.39 3.35 23.89
CA ALA A 248 -28.80 3.26 23.55
C ALA A 248 -29.65 3.83 24.65
N THR A 249 -29.32 3.50 25.90
CA THR A 249 -30.00 4.08 27.07
C THR A 249 -29.98 5.61 27.01
N TYR A 250 -28.82 6.20 26.73
CA TYR A 250 -28.68 7.64 26.58
C TYR A 250 -29.62 8.14 25.49
N LEU A 251 -29.56 7.51 24.32
CA LEU A 251 -30.35 7.96 23.18
C LEU A 251 -31.85 7.86 23.40
N ARG A 252 -32.30 6.75 23.97
CA ARG A 252 -33.72 6.59 24.29
C ARG A 252 -34.19 7.67 25.26
N TYR A 253 -33.39 7.89 26.30
CA TYR A 253 -33.75 8.89 27.29
C TYR A 253 -33.97 10.20 26.61
N VAL A 254 -32.98 10.69 25.88
CA VAL A 254 -33.02 12.05 25.31
C VAL A 254 -34.04 12.18 24.21
N ARG A 255 -34.29 11.11 23.44
CA ARG A 255 -35.34 11.10 22.41
C ARG A 255 -36.74 11.27 23.01
N ARG A 256 -36.93 10.79 24.24
CA ARG A 256 -38.25 10.82 24.90
C ARG A 256 -38.53 12.10 25.67
N LEU A 257 -37.53 12.98 25.81
CA LEU A 257 -37.68 14.20 26.60
C LEU A 257 -38.72 15.11 25.97
N ASP A 258 -39.50 15.76 26.83
CA ASP A 258 -40.49 16.70 26.35
C ASP A 258 -39.85 18.06 26.08
N PHE A 259 -40.50 18.85 25.23
CA PHE A 259 -39.96 20.15 24.80
C PHE A 259 -39.46 21.06 25.93
N PHE A 260 -40.30 21.23 26.96
CA PHE A 260 -39.98 22.06 28.12
C PHE A 260 -39.16 21.35 29.19
N GLU A 261 -38.90 20.07 29.01
CA GLU A 261 -38.33 19.25 30.07
C GLU A 261 -36.83 19.53 30.31
N LYS A 262 -36.49 19.68 31.60
CA LYS A 262 -35.13 19.79 32.05
C LYS A 262 -34.51 18.41 32.06
N PRO A 263 -33.43 18.20 31.28
CA PRO A 263 -32.79 16.90 31.33
C PRO A 263 -32.11 16.59 32.67
N ASP A 264 -32.02 15.31 33.01
CA ASP A 264 -31.27 14.87 34.18
C ASP A 264 -29.84 14.63 33.73
N TYR A 265 -29.04 15.68 33.81
CA TYR A 265 -27.68 15.63 33.30
C TYR A 265 -26.84 14.69 34.17
N ASP A 266 -27.06 14.74 35.50
CA ASP A 266 -26.38 13.84 36.45
C ASP A 266 -26.58 12.36 36.11
N TYR A 267 -27.80 12.01 35.72
CA TYR A 267 -28.15 10.65 35.34
C TYR A 267 -27.37 10.19 34.11
N LEU A 268 -27.39 11.01 33.06
CA LEU A 268 -26.71 10.67 31.80
C LEU A 268 -25.19 10.55 31.99
N ARG A 269 -24.65 11.45 32.78
CA ARG A 269 -23.28 11.40 33.15
C ARG A 269 -22.95 10.13 33.95
N LYS A 270 -23.83 9.70 34.87
CA LYS A 270 -23.62 8.46 35.64
C LYS A 270 -23.65 7.23 34.74
N LEU A 271 -24.55 7.21 33.75
CA LEU A 271 -24.57 6.11 32.78
C LEU A 271 -23.16 5.84 32.31
N PHE A 272 -22.49 6.92 31.92
CA PHE A 272 -21.20 6.86 31.27
C PHE A 272 -20.04 6.71 32.24
N THR A 273 -20.18 7.31 33.41
CA THR A 273 -19.14 7.23 34.39
C THR A 273 -19.16 5.83 35.06
N ASP A 274 -20.33 5.24 35.18
CA ASP A 274 -20.45 3.84 35.64
C ASP A 274 -19.79 2.87 34.65
N LEU A 275 -20.10 3.03 33.38
CA LEU A 275 -19.54 2.19 32.33
C LEU A 275 -18.02 2.34 32.22
N PHE A 276 -17.57 3.58 32.33
CA PHE A 276 -16.14 3.91 32.30
C PHE A 276 -15.36 3.11 33.37
N ASP A 277 -15.89 3.15 34.59
CA ASP A 277 -15.28 2.46 35.73
C ASP A 277 -15.36 0.93 35.59
N ARG A 278 -16.55 0.43 35.26
CA ARG A 278 -16.76 -0.99 34.97
C ARG A 278 -15.84 -1.49 33.87
N SER A 279 -15.58 -0.66 32.87
CA SER A 279 -14.68 -1.02 31.78
C SER A 279 -13.20 -1.02 32.21
N GLY A 280 -12.93 -0.59 33.44
CA GLY A 280 -11.60 -0.55 33.98
C GLY A 280 -10.79 0.63 33.50
N PHE A 281 -11.44 1.63 32.91
CA PHE A 281 -10.72 2.79 32.36
C PHE A 281 -10.34 3.74 33.48
N VAL A 282 -9.24 4.47 33.23
CA VAL A 282 -8.77 5.52 34.11
C VAL A 282 -8.91 6.87 33.40
N PHE A 283 -9.43 7.88 34.09
CA PHE A 283 -9.64 9.18 33.47
C PHE A 283 -8.31 9.93 33.37
N ASP A 284 -7.39 9.42 32.55
CA ASP A 284 -6.02 9.97 32.44
C ASP A 284 -5.85 11.07 31.38
N TYR A 285 -6.94 11.42 30.71
CA TYR A 285 -6.90 12.31 29.54
C TYR A 285 -5.95 11.84 28.44
N GLU A 286 -5.72 10.53 28.41
CA GLU A 286 -4.90 9.91 27.38
C GLU A 286 -5.86 9.46 26.28
N TYR A 287 -6.09 10.36 25.32
CA TYR A 287 -7.00 10.12 24.20
C TYR A 287 -6.33 9.28 23.11
N ASP A 288 -7.13 8.80 22.16
CA ASP A 288 -6.61 8.05 21.01
C ASP A 288 -5.48 8.77 20.30
N TRP A 289 -5.60 10.09 20.26
CA TRP A 289 -4.64 10.94 19.58
C TRP A 289 -3.45 11.33 20.45
N ALA A 290 -3.32 10.76 21.65
CA ALA A 290 -2.17 11.07 22.52
C ALA A 290 -0.87 10.63 21.83
N GLY A 291 0.16 11.48 21.94
CA GLY A 291 1.45 11.20 21.35
C GLY A 291 1.57 11.50 19.86
N LYS A 292 0.43 11.68 19.19
CA LYS A 292 0.43 12.00 17.76
C LYS A 292 0.76 13.47 17.57
N PRO A 293 1.39 13.81 16.43
CA PRO A 293 1.71 15.20 16.18
C PRO A 293 0.48 15.95 15.67
N LEU A 294 0.07 16.97 16.40
CA LEU A 294 -1.20 17.66 16.16
C LEU A 294 -0.99 18.85 15.22
N PRO A 295 -1.98 19.13 14.34
CA PRO A 295 -1.83 20.31 13.47
C PRO A 295 -1.93 21.65 14.24
N THR A 296 -1.21 22.66 13.74
CA THR A 296 -1.31 24.03 14.25
C THR A 296 -1.16 25.02 13.11
N PRO A 297 -1.78 26.21 13.24
CA PRO A 297 -1.49 27.32 12.31
C PRO A 297 -0.12 27.97 12.55
N ILE A 298 0.41 27.83 13.78
CA ILE A 298 1.61 28.56 14.22
C ILE A 298 2.91 28.17 13.49
N PRO B 4 -31.07 15.41 -17.18
CA PRO B 4 -30.33 16.66 -16.90
C PRO B 4 -30.15 16.89 -15.39
N ASN B 5 -29.92 15.81 -14.65
CA ASN B 5 -30.30 15.76 -13.24
C ASN B 5 -29.24 15.38 -12.24
N PHE B 6 -29.24 16.14 -11.15
CA PHE B 6 -28.25 16.06 -10.09
C PHE B 6 -28.90 16.01 -8.74
N ARG B 7 -28.24 15.33 -7.81
CA ARG B 7 -28.57 15.37 -6.41
C ARG B 7 -27.44 16.00 -5.61
N VAL B 8 -27.80 16.69 -4.53
CA VAL B 8 -26.84 17.38 -3.68
C VAL B 8 -26.66 16.67 -2.33
N GLY B 9 -25.40 16.57 -1.89
CA GLY B 9 -25.02 15.96 -0.61
C GLY B 9 -24.36 16.93 0.36
N LYS B 10 -23.34 16.46 1.06
CA LYS B 10 -22.70 17.18 2.17
C LYS B 10 -21.77 18.31 1.68
N LYS B 11 -21.43 19.19 2.61
CA LYS B 11 -20.46 20.25 2.39
C LYS B 11 -19.06 19.67 2.17
N ILE B 12 -18.32 20.30 1.27
CA ILE B 12 -16.88 20.05 1.14
C ILE B 12 -16.17 21.38 0.95
N GLY B 18 -19.11 31.07 -1.04
CA GLY B 18 -18.52 29.74 -1.17
C GLY B 18 -19.13 28.73 -0.22
N GLU B 19 -20.22 28.09 -0.68
CA GLU B 19 -20.68 26.80 -0.11
C GLU B 19 -20.51 25.84 -1.30
N LEU B 20 -19.68 24.81 -1.09
CA LEU B 20 -19.41 23.82 -2.11
C LEU B 20 -19.86 22.52 -1.51
N ARG B 21 -20.65 21.76 -2.27
CA ARG B 21 -21.16 20.48 -1.78
C ARG B 21 -20.77 19.37 -2.74
N LEU B 22 -20.75 18.16 -2.21
CA LEU B 22 -20.65 16.96 -3.04
C LEU B 22 -21.99 16.65 -3.66
N GLY B 23 -22.00 16.17 -4.89
CA GLY B 23 -23.23 15.82 -5.55
C GLY B 23 -23.05 14.62 -6.45
N LYS B 24 -24.12 14.23 -7.15
CA LYS B 24 -24.05 13.10 -8.04
C LYS B 24 -24.92 13.35 -9.25
N ASN B 25 -24.41 12.94 -10.39
CA ASN B 25 -25.19 12.89 -11.63
C ASN B 25 -26.01 11.60 -11.61
N LEU B 26 -27.34 11.74 -11.63
CA LEU B 26 -28.26 10.61 -11.46
C LEU B 26 -28.16 9.54 -12.52
N TYR B 27 -27.90 9.97 -13.76
CA TYR B 27 -27.90 9.09 -14.94
C TYR B 27 -26.59 8.34 -15.11
N THR B 28 -25.49 8.97 -14.71
CA THR B 28 -24.18 8.34 -14.80
C THR B 28 -23.70 7.74 -13.49
N ASN B 29 -24.28 8.18 -12.38
CA ASN B 29 -23.77 7.84 -11.05
C ASN B 29 -22.33 8.36 -10.82
N GLU B 30 -21.94 9.40 -11.57
CA GLU B 30 -20.65 10.06 -11.37
C GLU B 30 -20.81 11.17 -10.34
N TYR B 31 -19.86 11.27 -9.41
CA TYR B 31 -19.81 12.38 -8.47
C TYR B 31 -19.45 13.72 -9.11
N VAL B 32 -20.03 14.80 -8.59
CA VAL B 32 -19.71 16.14 -9.06
C VAL B 32 -19.52 17.04 -7.85
N ALA B 33 -19.06 18.26 -8.11
CA ALA B 33 -19.04 19.30 -7.08
C ALA B 33 -20.12 20.30 -7.44
N ILE B 34 -20.78 20.85 -6.42
CA ILE B 34 -21.91 21.78 -6.65
C ILE B 34 -21.67 23.01 -5.82
N LYS B 35 -21.53 24.15 -6.49
CA LYS B 35 -21.30 25.40 -5.79
C LYS B 35 -22.66 26.07 -5.70
N LEU B 36 -23.00 26.55 -4.51
CA LEU B 36 -24.32 27.13 -4.25
C LEU B 36 -24.29 28.60 -3.84
N GLU B 37 -25.25 29.37 -4.34
CA GLU B 37 -25.45 30.77 -3.97
C GLU B 37 -26.91 31.03 -3.66
N PRO B 38 -27.21 31.67 -2.52
CA PRO B 38 -28.59 31.99 -2.23
C PRO B 38 -29.29 32.67 -3.40
N ILE B 39 -30.45 32.13 -3.78
CA ILE B 39 -31.22 32.63 -4.91
C ILE B 39 -31.65 34.08 -4.71
N LYS B 40 -31.86 34.48 -3.45
CA LYS B 40 -32.30 35.85 -3.15
C LYS B 40 -31.11 36.75 -2.81
N SER B 41 -29.93 36.43 -3.33
CA SER B 41 -28.75 37.21 -3.03
C SER B 41 -28.88 38.64 -3.54
N ARG B 42 -28.56 39.60 -2.68
CA ARG B 42 -28.09 40.90 -3.14
C ARG B 42 -26.60 40.68 -3.45
N ALA B 43 -26.15 41.14 -4.61
CA ALA B 43 -24.79 40.84 -5.07
C ALA B 43 -24.59 39.39 -5.54
N PRO B 44 -25.42 38.93 -6.48
CA PRO B 44 -25.17 37.62 -7.08
C PRO B 44 -23.93 37.60 -7.98
N GLN B 45 -23.00 36.71 -7.67
CA GLN B 45 -21.74 36.58 -8.41
C GLN B 45 -21.55 35.24 -9.14
N LEU B 46 -22.29 34.21 -8.75
CA LEU B 46 -22.12 32.86 -9.29
C LEU B 46 -22.40 32.76 -10.79
N HIS B 47 -23.41 33.47 -11.25
CA HIS B 47 -23.71 33.48 -12.70
CA HIS B 47 -23.74 33.52 -12.68
C HIS B 47 -22.54 34.03 -13.48
N LEU B 48 -21.83 35.01 -12.90
CA LEU B 48 -20.69 35.62 -13.57
C LEU B 48 -19.54 34.64 -13.66
N GLU B 49 -19.29 33.92 -12.58
CA GLU B 49 -18.24 32.91 -12.53
C GLU B 49 -18.55 31.78 -13.52
N TYR B 50 -19.82 31.38 -13.61
CA TYR B 50 -20.26 30.42 -14.61
C TYR B 50 -19.89 30.90 -16.02
N ARG B 51 -20.10 32.19 -16.31
CA ARG B 51 -19.81 32.77 -17.65
C ARG B 51 -18.32 32.63 -17.99
N PHE B 52 -17.47 32.90 -17.01
CA PHE B 52 -16.05 32.74 -17.14
C PHE B 52 -15.67 31.27 -17.44
N TYR B 53 -16.21 30.33 -16.68
CA TYR B 53 -15.92 28.90 -16.90
C TYR B 53 -16.33 28.48 -18.35
N LYS B 54 -17.39 29.08 -18.87
CA LYS B 54 -17.85 28.72 -20.20
C LYS B 54 -16.96 29.38 -21.25
N GLN B 55 -16.55 30.64 -21.03
CA GLN B 55 -15.48 31.27 -21.83
C GLN B 55 -14.27 30.35 -21.97
N LEU B 56 -13.94 29.66 -20.90
CA LEU B 56 -12.76 28.81 -20.83
C LEU B 56 -13.04 27.33 -21.12
N SER B 57 -14.24 26.98 -21.59
CA SER B 57 -14.65 25.57 -21.62
C SER B 57 -13.81 24.67 -22.54
N ALA B 58 -13.18 25.26 -23.56
CA ALA B 58 -12.50 24.49 -24.61
C ALA B 58 -11.11 23.94 -24.23
N THR B 59 -10.72 24.06 -22.98
CA THR B 59 -9.49 23.49 -22.46
C THR B 59 -9.79 22.42 -21.41
N GLU B 60 -8.90 21.44 -21.32
CA GLU B 60 -8.99 20.38 -20.33
C GLU B 60 -8.32 20.79 -19.01
N GLY B 61 -7.76 21.98 -18.96
CA GLY B 61 -7.13 22.48 -17.74
C GLY B 61 -8.04 23.21 -16.76
N VAL B 62 -9.35 23.28 -17.07
CA VAL B 62 -10.38 23.75 -16.15
C VAL B 62 -11.41 22.66 -15.92
N PRO B 63 -12.08 22.64 -14.75
CA PRO B 63 -13.17 21.70 -14.59
C PRO B 63 -14.29 21.99 -15.60
N GLN B 64 -14.93 20.92 -16.10
CA GLN B 64 -16.11 21.06 -16.95
C GLN B 64 -17.27 21.53 -16.05
N VAL B 65 -18.13 22.37 -16.63
CA VAL B 65 -19.35 22.82 -15.97
C VAL B 65 -20.52 22.19 -16.69
N TYR B 66 -21.46 21.68 -15.90
CA TYR B 66 -22.55 20.89 -16.45
C TYR B 66 -23.89 21.58 -16.35
N TYR B 67 -24.02 22.53 -15.42
CA TYR B 67 -25.30 23.16 -15.13
C TYR B 67 -25.12 24.47 -14.38
N PHE B 68 -25.93 25.46 -14.77
CA PHE B 68 -26.20 26.61 -13.90
C PHE B 68 -27.69 26.90 -13.85
N GLY B 69 -28.24 26.97 -12.65
CA GLY B 69 -29.65 27.24 -12.45
C GLY B 69 -30.09 26.98 -11.03
N PRO B 70 -31.42 27.01 -10.77
CA PRO B 70 -31.98 26.78 -9.42
C PRO B 70 -31.86 25.35 -8.91
N GLY B 72 -33.42 24.64 -5.62
CA GLY B 72 -34.18 24.99 -4.41
C GLY B 72 -34.13 26.47 -4.04
N LYS B 73 -33.70 26.76 -2.81
CA LYS B 73 -33.53 28.16 -2.35
C LYS B 73 -32.20 28.76 -2.77
N TYR B 74 -31.51 28.07 -3.69
CA TYR B 74 -30.19 28.47 -4.20
C TYR B 74 -30.17 28.45 -5.71
N ASN B 75 -29.21 29.17 -6.27
CA ASN B 75 -28.73 28.87 -7.60
C ASN B 75 -27.54 27.98 -7.43
N ALA B 76 -27.32 27.12 -8.42
CA ALA B 76 -26.27 26.13 -8.33
C ALA B 76 -25.48 26.10 -9.63
N MET B 77 -24.16 25.96 -9.47
CA MET B 77 -23.26 25.66 -10.55
C MET B 77 -22.70 24.27 -10.30
N VAL B 78 -22.96 23.36 -11.22
CA VAL B 78 -22.50 21.98 -11.13
C VAL B 78 -21.25 21.82 -11.96
N LEU B 79 -20.19 21.34 -11.31
CA LEU B 79 -18.88 21.21 -11.92
C LEU B 79 -18.31 19.83 -11.80
N GLU B 80 -17.34 19.53 -12.67
CA GLU B 80 -16.52 18.34 -12.54
C GLU B 80 -15.79 18.33 -11.19
N LEU B 81 -15.74 17.16 -10.58
CA LEU B 81 -15.07 16.98 -9.30
C LEU B 81 -13.63 16.55 -9.56
N LEU B 82 -12.71 17.36 -9.06
CA LEU B 82 -11.27 17.20 -9.25
C LEU B 82 -10.65 16.66 -7.97
N GLY B 83 -9.33 16.54 -7.95
CA GLY B 83 -8.60 16.01 -6.83
C GLY B 83 -8.16 17.11 -5.91
N PRO B 84 -7.19 16.83 -5.02
CA PRO B 84 -6.62 17.76 -4.06
C PRO B 84 -5.93 18.97 -4.65
N SER B 85 -5.82 20.03 -3.84
CA SER B 85 -5.11 21.24 -4.23
C SER B 85 -3.63 21.03 -4.06
N LEU B 86 -2.86 21.90 -4.69
CA LEU B 86 -1.43 21.91 -4.48
C LEU B 86 -1.07 22.24 -3.04
N GLU B 87 -1.91 22.98 -2.33
CA GLU B 87 -1.70 23.25 -0.90
C GLU B 87 -1.98 22.00 -0.07
N ASP B 88 -3.02 21.23 -0.42
CA ASP B 88 -3.27 19.92 0.24
C ASP B 88 -2.06 18.98 0.08
N LEU B 89 -1.56 18.91 -1.15
CA LEU B 89 -0.40 18.06 -1.51
C LEU B 89 0.89 18.58 -0.91
N PHE B 90 0.99 19.91 -0.82
CA PHE B 90 2.14 20.56 -0.19
C PHE B 90 2.25 20.12 1.26
N ASP B 91 1.13 20.13 1.97
CA ASP B 91 1.09 19.65 3.38
C ASP B 91 1.47 18.19 3.54
N LEU B 92 0.97 17.37 2.61
CA LEU B 92 1.27 15.95 2.51
C LEU B 92 2.76 15.67 2.33
N CYS B 93 3.45 16.56 1.63
CA CYS B 93 4.89 16.40 1.35
C CYS B 93 5.79 17.21 2.30
N ASP B 94 5.27 17.44 3.51
CA ASP B 94 5.98 18.18 4.57
C ASP B 94 6.41 19.58 4.15
N ARG B 95 5.53 20.23 3.41
CA ARG B 95 5.64 21.65 3.08
C ARG B 95 6.95 22.04 2.41
N THR B 96 7.41 21.16 1.51
CA THR B 96 8.44 21.47 0.57
C THR B 96 8.28 20.55 -0.67
N PHE B 97 8.60 21.08 -1.85
CA PHE B 97 8.56 20.32 -3.09
C PHE B 97 9.95 20.29 -3.72
N THR B 98 10.29 19.16 -4.33
CA THR B 98 11.51 19.05 -5.11
C THR B 98 11.41 19.84 -6.41
N LEU B 99 12.57 20.13 -6.98
CA LEU B 99 12.70 20.93 -8.19
C LEU B 99 11.91 20.34 -9.36
N LYS B 100 11.99 19.03 -9.52
CA LYS B 100 11.32 18.35 -10.62
C LYS B 100 9.85 18.69 -10.57
N THR B 101 9.26 18.49 -9.38
CA THR B 101 7.80 18.67 -9.18
C THR B 101 7.39 20.12 -9.40
N VAL B 102 8.14 21.05 -8.79
CA VAL B 102 7.84 22.46 -9.01
C VAL B 102 7.88 22.79 -10.52
N LEU B 103 8.81 22.23 -11.27
CA LEU B 103 8.97 22.57 -12.67
C LEU B 103 7.84 21.98 -13.48
N MET B 104 7.42 20.78 -13.12
CA MET B 104 6.28 20.15 -13.82
C MET B 104 5.03 20.96 -13.58
N ILE B 105 4.90 21.42 -12.35
CA ILE B 105 3.79 22.30 -12.00
C ILE B 105 3.85 23.59 -12.81
N ALA B 106 4.99 24.30 -12.71
CA ALA B 106 5.21 25.59 -13.34
C ALA B 106 4.97 25.61 -14.86
N ILE B 107 5.50 24.62 -15.55
CA ILE B 107 5.37 24.53 -16.99
C ILE B 107 3.88 24.47 -17.36
N GLN B 108 3.16 23.64 -16.62
CA GLN B 108 1.71 23.50 -16.74
C GLN B 108 0.92 24.78 -16.46
N LEU B 109 1.24 25.43 -15.36
CA LEU B 109 0.55 26.68 -14.97
C LEU B 109 0.85 27.91 -15.84
N ILE B 110 2.06 28.05 -16.33
CA ILE B 110 2.30 29.07 -17.32
C ILE B 110 1.34 28.84 -18.50
N THR B 111 1.26 27.62 -18.99
CA THR B 111 0.39 27.26 -20.11
C THR B 111 -1.07 27.49 -19.78
N ARG B 112 -1.43 27.14 -18.56
CA ARG B 112 -2.77 27.36 -18.05
C ARG B 112 -3.09 28.84 -18.01
N MET B 113 -2.15 29.63 -17.50
CA MET B 113 -2.35 31.04 -17.39
C MET B 113 -2.35 31.71 -18.74
N GLU B 114 -1.48 31.27 -19.65
CA GLU B 114 -1.55 31.74 -21.00
C GLU B 114 -2.94 31.51 -21.56
N TYR B 115 -3.55 30.35 -21.28
CA TYR B 115 -4.86 30.04 -21.91
C TYR B 115 -5.92 31.02 -21.42
N VAL B 116 -5.89 31.26 -20.11
CA VAL B 116 -6.84 32.18 -19.51
C VAL B 116 -6.71 33.54 -20.19
N HIS B 117 -5.45 34.04 -20.21
CA HIS B 117 -5.13 35.30 -20.83
C HIS B 117 -5.55 35.31 -22.33
N THR B 118 -5.30 34.23 -23.04
CA THR B 118 -5.70 34.11 -24.47
C THR B 118 -7.20 34.30 -24.68
N LYS B 119 -7.95 33.91 -23.66
CA LYS B 119 -9.38 34.06 -23.62
C LYS B 119 -9.86 35.42 -23.01
N SER B 120 -8.97 36.41 -23.03
CA SER B 120 -9.23 37.80 -22.65
C SER B 120 -9.51 38.01 -21.18
N LEU B 121 -9.10 37.07 -20.35
CA LEU B 121 -9.30 37.23 -18.91
C LEU B 121 -8.00 37.27 -18.19
N ILE B 122 -7.97 38.02 -17.08
CA ILE B 122 -6.95 37.91 -16.08
C ILE B 122 -7.57 37.33 -14.82
N TYR B 123 -6.74 36.62 -14.03
CA TYR B 123 -7.19 35.65 -13.02
C TYR B 123 -7.21 36.25 -11.59
N ARG B 124 -6.12 36.89 -11.20
CA ARG B 124 -6.12 37.73 -9.99
C ARG B 124 -6.41 37.00 -8.70
N ASP B 125 -6.29 35.67 -8.70
CA ASP B 125 -6.47 34.87 -7.48
C ASP B 125 -5.50 33.68 -7.41
N VAL B 126 -4.25 33.91 -7.79
CA VAL B 126 -3.25 32.86 -7.72
C VAL B 126 -2.95 32.46 -6.29
N LYS B 127 -3.08 31.16 -6.01
CA LYS B 127 -2.63 30.56 -4.74
C LYS B 127 -2.75 29.10 -4.88
N PRO B 128 -2.02 28.36 -4.04
CA PRO B 128 -1.96 26.92 -4.24
C PRO B 128 -3.23 26.17 -3.96
N GLU B 129 -4.13 26.79 -3.21
CA GLU B 129 -5.42 26.23 -2.95
C GLU B 129 -6.32 26.22 -4.20
N ASN B 130 -6.02 27.02 -5.23
CA ASN B 130 -6.85 27.09 -6.49
C ASN B 130 -6.27 26.32 -7.69
N PHE B 131 -5.25 25.50 -7.45
CA PHE B 131 -4.77 24.57 -8.50
C PHE B 131 -4.92 23.12 -8.01
N LEU B 132 -5.68 22.34 -8.76
CA LEU B 132 -6.06 21.02 -8.35
C LEU B 132 -5.56 19.97 -9.35
N VAL B 133 -5.05 18.87 -8.79
CA VAL B 133 -4.78 17.70 -9.61
C VAL B 133 -6.13 17.10 -9.99
N GLY B 134 -6.12 16.22 -10.98
CA GLY B 134 -7.33 15.54 -11.36
C GLY B 134 -7.73 14.55 -10.27
N ARG B 135 -8.89 13.96 -10.47
CA ARG B 135 -9.41 13.04 -9.52
C ARG B 135 -8.66 11.71 -9.65
N PRO B 136 -8.11 11.21 -8.54
CA PRO B 136 -7.39 9.93 -8.53
C PRO B 136 -8.09 8.81 -9.30
N GLY B 137 -7.33 8.09 -10.13
CA GLY B 137 -7.87 7.02 -10.94
C GLY B 137 -8.41 7.46 -12.28
N THR B 138 -8.76 8.72 -12.44
CA THR B 138 -9.22 9.17 -13.73
C THR B 138 -8.02 9.19 -14.67
N LYS B 139 -8.27 9.15 -15.98
CA LYS B 139 -7.19 9.19 -16.99
C LYS B 139 -6.29 10.42 -16.79
N ARG B 140 -6.92 11.58 -16.58
CA ARG B 140 -6.23 12.88 -16.55
C ARG B 140 -5.91 13.34 -15.14
N GLN B 141 -5.74 12.38 -14.24
CA GLN B 141 -5.56 12.64 -12.82
C GLN B 141 -4.27 13.37 -12.47
N HIS B 142 -3.30 13.36 -13.38
CA HIS B 142 -2.00 14.00 -13.10
C HIS B 142 -1.87 15.43 -13.66
N ALA B 143 -2.88 15.89 -14.40
CA ALA B 143 -2.92 17.26 -14.90
C ALA B 143 -3.30 18.21 -13.81
N ILE B 144 -2.72 19.41 -13.85
CA ILE B 144 -3.03 20.45 -12.90
C ILE B 144 -4.05 21.41 -13.50
N HIS B 145 -5.07 21.73 -12.71
CA HIS B 145 -6.22 22.47 -13.20
C HIS B 145 -6.33 23.79 -12.44
N ILE B 146 -6.95 24.75 -13.09
CA ILE B 146 -7.22 26.03 -12.43
C ILE B 146 -8.75 26.14 -12.14
N ILE B 147 -9.08 26.58 -10.93
CA ILE B 147 -10.47 26.77 -10.50
C ILE B 147 -10.63 28.17 -9.91
N ASP B 148 -11.89 28.52 -9.64
CA ASP B 148 -12.25 29.72 -8.87
C ASP B 148 -11.95 31.03 -9.58
N PHE B 149 -12.92 31.44 -10.39
CA PHE B 149 -12.83 32.64 -11.19
C PHE B 149 -13.64 33.79 -10.55
N GLY B 150 -13.79 33.71 -9.22
CA GLY B 150 -14.47 34.74 -8.46
C GLY B 150 -13.81 36.11 -8.49
N LEU B 151 -12.50 36.15 -8.64
CA LEU B 151 -11.78 37.42 -8.80
C LEU B 151 -11.37 37.74 -10.22
N ALA B 152 -11.67 36.85 -11.16
CA ALA B 152 -11.24 37.07 -12.54
C ALA B 152 -11.93 38.30 -13.08
N LYS B 153 -11.38 38.81 -14.17
CA LYS B 153 -11.88 40.04 -14.87
C LYS B 153 -11.43 40.06 -16.35
N GLU B 154 -12.31 40.51 -17.25
CA GLU B 154 -11.91 40.73 -18.64
C GLU B 154 -10.91 41.87 -18.69
N TYR B 155 -9.77 41.66 -19.33
CA TYR B 155 -8.86 42.77 -19.61
C TYR B 155 -8.96 43.32 -21.06
N ILE B 156 -9.78 42.70 -21.90
CA ILE B 156 -10.03 43.23 -23.23
C ILE B 156 -11.52 43.54 -23.34
N ASP B 157 -11.85 44.83 -23.43
CA ASP B 157 -13.24 45.24 -23.66
C ASP B 157 -13.75 44.57 -24.94
N PRO B 158 -14.94 43.93 -24.87
CA PRO B 158 -15.38 43.12 -26.02
C PRO B 158 -15.89 43.93 -27.18
N GLU B 159 -16.44 45.12 -26.94
CA GLU B 159 -16.85 46.00 -28.06
C GLU B 159 -15.59 46.59 -28.74
N THR B 160 -14.81 47.35 -27.95
CA THR B 160 -13.68 48.13 -28.47
C THR B 160 -12.47 47.25 -28.83
N LYS B 161 -12.46 46.02 -28.33
CA LYS B 161 -11.37 45.05 -28.57
C LYS B 161 -10.03 45.56 -28.02
N LYS B 162 -10.07 46.53 -27.10
CA LYS B 162 -8.85 47.15 -26.59
C LYS B 162 -8.67 46.85 -25.12
N HIS B 163 -7.41 46.79 -24.71
CA HIS B 163 -6.95 46.49 -23.36
C HIS B 163 -7.54 47.49 -22.36
N ILE B 164 -7.91 47.05 -21.16
CA ILE B 164 -8.43 47.97 -20.16
C ILE B 164 -7.39 49.06 -19.81
N PRO B 165 -7.87 50.26 -19.45
CA PRO B 165 -6.92 51.31 -19.14
C PRO B 165 -6.17 51.09 -17.84
N TYR B 166 -4.97 51.66 -17.76
CA TYR B 166 -4.20 51.72 -16.54
C TYR B 166 -4.98 52.52 -15.53
N ARG B 167 -4.84 52.14 -14.26
CA ARG B 167 -5.60 52.75 -13.20
C ARG B 167 -4.82 52.50 -11.91
N GLU B 168 -4.89 53.43 -10.97
CA GLU B 168 -4.24 53.27 -9.66
C GLU B 168 -5.29 53.27 -8.52
N HIS B 169 -4.81 53.26 -7.28
CA HIS B 169 -5.68 53.33 -6.09
C HIS B 169 -6.80 52.29 -6.06
N LYS B 170 -6.53 51.10 -6.60
CA LYS B 170 -7.44 49.96 -6.48
C LYS B 170 -7.31 49.42 -5.05
N SER B 171 -8.40 48.86 -4.55
CA SER B 171 -8.47 48.35 -3.19
C SER B 171 -8.11 46.88 -3.22
N LEU B 172 -7.44 46.43 -2.17
CA LEU B 172 -6.80 45.13 -2.22
C LEU B 172 -7.69 44.02 -1.71
N THR B 173 -7.96 43.12 -2.62
CA THR B 173 -8.57 41.86 -2.29
C THR B 173 -7.66 40.84 -2.99
N GLY B 174 -7.44 39.72 -2.33
CA GLY B 174 -6.42 38.77 -2.81
C GLY B 174 -5.59 38.28 -1.64
N THR B 175 -4.89 37.17 -1.87
CA THR B 175 -4.04 36.61 -0.82
C THR B 175 -2.76 37.41 -0.88
N ALA B 176 -2.51 38.11 0.21
CA ALA B 176 -1.37 39.01 0.27
C ALA B 176 -0.07 38.31 -0.05
N ARG B 177 0.02 37.02 0.28
CA ARG B 177 1.25 36.28 0.21
C ARG B 177 1.83 36.13 -1.19
N TYR B 178 0.98 35.97 -2.18
CA TYR B 178 1.50 35.68 -3.49
C TYR B 178 1.41 36.88 -4.42
N MET B 179 0.74 37.96 -3.99
CA MET B 179 0.40 39.02 -4.96
C MET B 179 1.67 39.72 -5.37
N SER B 180 1.62 40.22 -6.61
CA SER B 180 2.73 40.92 -7.20
C SER B 180 2.94 42.23 -6.46
N ILE B 181 4.12 42.82 -6.62
CA ILE B 181 4.41 44.11 -5.98
C ILE B 181 3.51 45.23 -6.52
N ASN B 182 3.24 45.23 -7.82
CA ASN B 182 2.37 46.26 -8.39
C ASN B 182 0.93 46.17 -7.92
N THR B 183 0.50 44.96 -7.56
CA THR B 183 -0.81 44.79 -6.98
C THR B 183 -0.82 45.46 -5.60
N HIS B 184 0.18 45.15 -4.78
CA HIS B 184 0.31 45.78 -3.48
C HIS B 184 0.22 47.31 -3.53
N LEU B 185 0.70 47.88 -4.63
CA LEU B 185 0.75 49.33 -4.76
C LEU B 185 -0.59 49.90 -5.17
N GLY B 186 -1.60 49.06 -5.40
CA GLY B 186 -2.93 49.52 -5.79
C GLY B 186 -3.14 49.75 -7.29
N LYS B 187 -2.22 49.25 -8.11
CA LYS B 187 -2.36 49.32 -9.56
C LYS B 187 -3.41 48.33 -10.06
N GLU B 188 -4.09 48.69 -11.15
CA GLU B 188 -4.88 47.72 -11.90
C GLU B 188 -3.96 46.54 -12.21
N GLN B 189 -4.37 45.34 -11.84
CA GLN B 189 -3.67 44.13 -12.25
C GLN B 189 -3.84 43.86 -13.76
N SER B 190 -2.80 43.31 -14.36
CA SER B 190 -2.82 42.88 -15.75
C SER B 190 -2.09 41.52 -15.85
N ARG B 191 -1.89 41.05 -17.08
CA ARG B 191 -1.33 39.72 -17.31
C ARG B 191 -0.03 39.48 -16.52
N ARG B 192 0.81 40.48 -16.49
CA ARG B 192 2.09 40.39 -15.77
C ARG B 192 1.94 39.96 -14.34
N ASP B 193 0.85 40.38 -13.72
CA ASP B 193 0.65 40.23 -12.28
C ASP B 193 0.29 38.80 -11.92
N ASP B 194 -0.43 38.16 -12.84
CA ASP B 194 -0.74 36.77 -12.70
C ASP B 194 0.58 35.96 -12.65
N LEU B 195 1.48 36.23 -13.59
CA LEU B 195 2.74 35.48 -13.72
C LEU B 195 3.71 35.76 -12.59
N GLU B 196 3.70 36.98 -12.06
CA GLU B 196 4.56 37.28 -10.94
C GLU B 196 4.08 36.49 -9.72
N ALA B 197 2.76 36.45 -9.55
CA ALA B 197 2.12 35.70 -8.45
C ALA B 197 2.49 34.22 -8.48
N LEU B 198 2.43 33.65 -9.67
CA LEU B 198 2.91 32.28 -9.91
C LEU B 198 4.32 32.10 -9.46
N GLY B 199 5.18 33.03 -9.84
CA GLY B 199 6.57 33.01 -9.49
C GLY B 199 6.80 33.00 -7.99
N HIS B 200 6.03 33.80 -7.25
CA HIS B 200 6.08 33.79 -5.76
C HIS B 200 5.67 32.42 -5.23
N MET B 201 4.64 31.84 -5.85
CA MET B 201 4.16 30.53 -5.46
C MET B 201 5.20 29.44 -5.73
N PHE B 202 5.90 29.53 -6.87
CA PHE B 202 6.99 28.59 -7.19
C PHE B 202 8.11 28.64 -6.12
N MET B 203 8.47 29.82 -5.65
CA MET B 203 9.52 29.95 -4.64
C MET B 203 9.07 29.50 -3.26
N TYR B 204 7.78 29.73 -2.98
CA TYR B 204 7.11 29.18 -1.79
C TYR B 204 7.33 27.69 -1.67
N PHE B 205 6.94 26.98 -2.75
CA PHE B 205 7.10 25.53 -2.88
C PHE B 205 8.55 25.06 -2.73
N LEU B 206 9.47 25.78 -3.36
CA LEU B 206 10.89 25.41 -3.32
C LEU B 206 11.52 25.61 -1.93
N ARG B 207 11.30 26.78 -1.37
CA ARG B 207 11.84 27.15 -0.07
C ARG B 207 11.09 26.53 1.12
N GLY B 208 9.81 26.28 0.97
CA GLY B 208 8.98 25.87 2.10
C GLY B 208 8.15 27.02 2.65
N SER B 209 8.65 28.24 2.45
CA SER B 209 7.99 29.47 2.86
C SER B 209 8.54 30.69 2.14
N LEU B 210 7.83 31.82 2.27
CA LEU B 210 8.28 33.10 1.76
C LEU B 210 8.60 34.03 2.91
N PRO B 211 9.61 34.88 2.74
CA PRO B 211 10.11 35.64 3.90
C PRO B 211 9.13 36.65 4.53
N TRP B 212 8.04 36.93 3.83
CA TRP B 212 7.02 37.84 4.32
C TRP B 212 5.83 37.11 4.94
N GLN B 213 5.88 35.78 4.95
CA GLN B 213 4.90 34.98 5.71
C GLN B 213 4.98 35.30 7.17
N GLY B 214 3.82 35.33 7.81
CA GLY B 214 3.71 35.49 9.25
C GLY B 214 3.68 36.94 9.70
N LEU B 215 3.64 37.87 8.76
CA LEU B 215 3.65 39.29 9.12
C LEU B 215 2.27 39.71 9.57
N LYS B 216 2.24 40.46 10.66
CA LYS B 216 1.01 40.96 11.29
C LYS B 216 1.02 42.49 11.45
N ALA B 217 -0.15 43.11 11.40
CA ALA B 217 -0.30 44.55 11.42
C ALA B 217 -1.56 44.91 12.22
N ASP B 218 -1.71 46.20 12.49
CA ASP B 218 -2.87 46.70 13.22
C ASP B 218 -4.19 46.48 12.46
N THR B 219 -4.15 46.39 11.14
CA THR B 219 -5.31 46.07 10.31
C THR B 219 -4.90 45.17 9.16
N LEU B 220 -5.87 44.67 8.42
CA LEU B 220 -5.56 43.90 7.22
C LEU B 220 -5.00 44.81 6.13
N LYS B 221 -5.49 46.04 6.01
CA LYS B 221 -4.94 47.01 5.05
C LYS B 221 -3.46 47.24 5.33
N GLU B 222 -3.11 47.48 6.60
CA GLU B 222 -1.72 47.67 6.97
C GLU B 222 -0.90 46.40 6.80
N ARG B 223 -1.53 45.25 6.98
CA ARG B 223 -0.86 43.95 6.75
C ARG B 223 -0.45 43.75 5.28
N TYR B 224 -1.36 44.07 4.34
CA TYR B 224 -0.99 44.12 2.94
C TYR B 224 0.25 45.03 2.72
N GLN B 225 0.21 46.21 3.31
CA GLN B 225 1.24 47.21 3.12
C GLN B 225 2.55 46.67 3.60
N LYS B 226 2.54 46.12 4.80
CA LYS B 226 3.74 45.58 5.45
C LYS B 226 4.35 44.40 4.62
N ILE B 227 3.50 43.56 4.09
CA ILE B 227 3.93 42.44 3.25
C ILE B 227 4.51 42.97 1.95
N GLY B 228 3.93 44.03 1.41
CA GLY B 228 4.44 44.67 0.19
C GLY B 228 5.80 45.31 0.41
N ASP B 229 5.92 46.05 1.50
CA ASP B 229 7.20 46.63 1.91
C ASP B 229 8.31 45.59 1.91
N THR B 230 8.03 44.43 2.49
CA THR B 230 8.99 43.35 2.61
C THR B 230 9.34 42.68 1.27
N LYS B 231 8.34 42.50 0.40
CA LYS B 231 8.61 42.05 -0.95
C LYS B 231 9.59 43.02 -1.62
N ARG B 232 9.32 44.30 -1.50
CA ARG B 232 10.13 45.34 -2.14
C ARG B 232 11.54 45.37 -1.58
N ALA B 233 11.66 45.08 -0.29
CA ALA B 233 12.95 45.06 0.37
C ALA B 233 13.67 43.69 0.32
N THR B 234 13.12 42.74 -0.43
CA THR B 234 13.72 41.41 -0.60
C THR B 234 14.19 41.26 -2.04
N PRO B 235 15.51 41.33 -2.25
CA PRO B 235 15.99 41.20 -3.63
C PRO B 235 15.77 39.79 -4.11
N ILE B 236 15.49 39.67 -5.39
CA ILE B 236 15.31 38.39 -6.03
C ILE B 236 16.52 37.48 -5.82
N GLU B 237 17.71 38.08 -5.78
CA GLU B 237 18.97 37.38 -5.55
C GLU B 237 18.92 36.63 -4.23
N VAL B 238 18.30 37.26 -3.22
CA VAL B 238 18.12 36.68 -1.90
C VAL B 238 16.99 35.65 -1.86
N LEU B 239 15.85 36.03 -2.39
CA LEU B 239 14.72 35.13 -2.46
C LEU B 239 15.10 33.79 -3.14
N CYS B 240 15.83 33.86 -4.24
CA CYS B 240 16.17 32.67 -5.02
C CYS B 240 17.57 32.11 -4.75
N GLU B 241 18.23 32.66 -3.72
CA GLU B 241 19.51 32.16 -3.24
C GLU B 241 19.47 30.67 -2.99
N ASN B 242 20.44 29.94 -3.54
CA ASN B 242 20.55 28.47 -3.46
C ASN B 242 19.55 27.72 -4.31
N PHE B 243 18.90 28.41 -5.24
CA PHE B 243 17.99 27.78 -6.21
C PHE B 243 18.45 28.17 -7.59
N PRO B 244 18.07 27.40 -8.61
CA PRO B 244 18.49 27.68 -9.98
C PRO B 244 18.27 29.12 -10.43
N GLU B 245 19.13 29.60 -11.31
CA GLU B 245 19.06 30.97 -11.80
C GLU B 245 17.77 31.24 -12.58
N GLU B 246 17.25 30.22 -13.25
CA GLU B 246 16.01 30.37 -14.02
C GLU B 246 14.84 30.92 -13.17
N MET B 247 14.83 30.58 -11.88
CA MET B 247 13.80 31.06 -10.97
C MET B 247 13.87 32.57 -10.89
N ALA B 248 15.10 33.07 -10.66
CA ALA B 248 15.37 34.51 -10.63
C ALA B 248 15.14 35.13 -11.98
N THR B 249 15.62 34.48 -13.03
CA THR B 249 15.39 34.96 -14.41
C THR B 249 13.89 35.14 -14.67
N TYR B 250 13.08 34.16 -14.28
CA TYR B 250 11.62 34.24 -14.43
C TYR B 250 11.07 35.48 -13.72
N LEU B 251 11.45 35.63 -12.46
CA LEU B 251 10.93 36.74 -11.66
C LEU B 251 11.35 38.10 -12.17
N ARG B 252 12.64 38.24 -12.53
CA ARG B 252 13.12 39.51 -13.09
C ARG B 252 12.34 39.87 -14.35
N TYR B 253 12.16 38.90 -15.22
CA TYR B 253 11.45 39.12 -16.46
C TYR B 253 10.02 39.62 -16.19
N VAL B 254 9.29 38.92 -15.32
CA VAL B 254 7.89 39.28 -15.06
C VAL B 254 7.79 40.61 -14.35
N ARG B 255 8.68 40.85 -13.39
CA ARG B 255 8.69 42.11 -12.65
C ARG B 255 8.83 43.30 -13.59
N ARG B 256 9.60 43.14 -14.64
CA ARG B 256 9.92 44.23 -15.56
C ARG B 256 8.90 44.43 -16.69
N LEU B 257 7.89 43.56 -16.78
CA LEU B 257 6.88 43.72 -17.84
C LEU B 257 6.05 44.98 -17.60
N ASP B 258 5.67 45.61 -18.70
CA ASP B 258 4.81 46.78 -18.66
C ASP B 258 3.34 46.38 -18.51
N PHE B 259 2.52 47.30 -18.02
CA PHE B 259 1.10 47.07 -17.75
C PHE B 259 0.36 46.44 -18.94
N PHE B 260 0.50 47.02 -20.13
CA PHE B 260 -0.17 46.50 -21.35
C PHE B 260 0.55 45.36 -22.06
N GLU B 261 1.73 44.99 -21.59
CA GLU B 261 2.62 44.14 -22.34
C GLU B 261 2.20 42.67 -22.31
N LYS B 262 2.23 42.06 -23.48
CA LYS B 262 1.97 40.63 -23.63
C LYS B 262 3.20 39.81 -23.27
N PRO B 263 3.10 38.90 -22.25
CA PRO B 263 4.27 38.15 -21.86
C PRO B 263 4.74 37.18 -22.95
N ASP B 264 6.03 36.87 -22.95
CA ASP B 264 6.51 35.84 -23.87
C ASP B 264 6.45 34.53 -23.11
N TYR B 265 5.30 33.86 -23.21
CA TYR B 265 5.03 32.65 -22.40
C TYR B 265 5.93 31.50 -22.84
N ASP B 266 6.17 31.41 -24.15
CA ASP B 266 7.14 30.45 -24.73
C ASP B 266 8.50 30.58 -24.09
N TYR B 267 8.99 31.82 -23.95
CA TYR B 267 10.28 32.08 -23.35
C TYR B 267 10.37 31.55 -21.93
N LEU B 268 9.38 31.87 -21.12
CA LEU B 268 9.40 31.47 -19.70
C LEU B 268 9.32 29.96 -19.53
N ARG B 269 8.51 29.36 -20.37
CA ARG B 269 8.46 27.92 -20.46
C ARG B 269 9.82 27.30 -20.82
N LYS B 270 10.47 27.85 -21.83
CA LYS B 270 11.78 27.36 -22.22
C LYS B 270 12.80 27.49 -21.10
N LEU B 271 12.76 28.55 -20.33
CA LEU B 271 13.64 28.65 -19.17
C LEU B 271 13.55 27.36 -18.36
N PHE B 272 12.32 26.94 -18.14
CA PHE B 272 12.05 25.83 -17.26
C PHE B 272 12.20 24.49 -17.94
N THR B 273 11.85 24.39 -19.23
CA THR B 273 12.02 23.12 -19.94
C THR B 273 13.49 22.85 -20.19
N ASP B 274 14.29 23.89 -20.43
CA ASP B 274 15.73 23.74 -20.58
C ASP B 274 16.39 23.25 -19.30
N LEU B 275 16.04 23.85 -18.17
CA LEU B 275 16.59 23.45 -16.86
C LEU B 275 16.16 22.03 -16.51
N PHE B 276 14.91 21.68 -16.83
CA PHE B 276 14.33 20.35 -16.58
C PHE B 276 15.18 19.29 -17.23
N ASP B 277 15.45 19.52 -18.51
CA ASP B 277 16.22 18.62 -19.34
C ASP B 277 17.66 18.56 -18.87
N ARG B 278 18.31 19.70 -18.69
CA ARG B 278 19.69 19.72 -18.18
C ARG B 278 19.80 19.06 -16.82
N SER B 279 18.75 19.12 -16.01
CA SER B 279 18.73 18.46 -14.69
C SER B 279 18.59 16.94 -14.80
N GLY B 280 18.33 16.46 -16.02
CA GLY B 280 18.16 15.05 -16.29
C GLY B 280 16.80 14.52 -15.92
N PHE B 281 15.83 15.40 -15.74
CA PHE B 281 14.52 15.00 -15.32
C PHE B 281 13.76 14.46 -16.50
N VAL B 282 12.81 13.56 -16.21
CA VAL B 282 11.88 13.01 -17.21
C VAL B 282 10.48 13.47 -16.84
N PHE B 283 9.70 13.93 -17.83
CA PHE B 283 8.34 14.43 -17.55
C PHE B 283 7.35 13.27 -17.35
N ASP B 284 7.57 12.52 -16.27
CA ASP B 284 6.80 11.31 -15.87
C ASP B 284 5.41 11.56 -15.35
N TYR B 285 5.16 12.80 -14.94
CA TYR B 285 4.08 13.17 -14.00
C TYR B 285 4.19 12.41 -12.65
N GLU B 286 5.42 12.06 -12.29
CA GLU B 286 5.66 11.41 -11.00
C GLU B 286 6.07 12.49 -10.05
N TYR B 287 5.07 13.04 -9.36
CA TYR B 287 5.24 14.15 -8.42
C TYR B 287 5.71 13.64 -7.07
N ASP B 288 6.10 14.57 -6.21
CA ASP B 288 6.54 14.26 -4.85
C ASP B 288 5.53 13.41 -4.11
N TRP B 289 4.26 13.65 -4.42
CA TRP B 289 3.16 12.98 -3.76
C TRP B 289 2.76 11.66 -4.40
N ALA B 290 3.50 11.21 -5.42
CA ALA B 290 3.18 9.95 -6.07
C ALA B 290 3.24 8.81 -5.05
N GLY B 291 2.28 7.89 -5.14
CA GLY B 291 2.24 6.73 -4.24
C GLY B 291 1.68 6.99 -2.86
N LYS B 292 1.52 8.28 -2.50
CA LYS B 292 0.94 8.64 -1.20
C LYS B 292 -0.58 8.56 -1.32
N PRO B 293 -1.25 8.19 -0.21
CA PRO B 293 -2.71 8.14 -0.22
C PRO B 293 -3.28 9.55 -0.11
N LEU B 294 -4.07 9.93 -1.12
CA LEU B 294 -4.57 11.29 -1.27
C LEU B 294 -5.95 11.45 -0.63
N PRO B 295 -6.25 12.64 -0.07
CA PRO B 295 -7.56 12.85 0.57
C PRO B 295 -8.70 12.95 -0.45
N THR B 296 -9.88 12.46 -0.08
CA THR B 296 -11.07 12.61 -0.90
C THR B 296 -12.29 12.84 -0.03
N PRO B 297 -13.29 13.55 -0.57
CA PRO B 297 -14.60 13.63 0.11
C PRO B 297 -15.44 12.33 0.08
N ILE B 298 -15.20 11.47 -0.91
CA ILE B 298 -16.13 10.38 -1.25
C ILE B 298 -16.81 9.65 -0.05
N PHE C 6 -8.31 -11.22 -8.81
CA PHE C 6 -7.51 -12.49 -8.84
C PHE C 6 -7.72 -13.32 -7.58
N ARG C 7 -7.67 -14.63 -7.73
CA ARG C 7 -7.62 -15.52 -6.57
C ARG C 7 -6.33 -16.34 -6.58
N VAL C 8 -5.88 -16.67 -5.38
CA VAL C 8 -4.59 -17.31 -5.18
C VAL C 8 -4.78 -18.77 -4.73
N GLY C 9 -3.97 -19.66 -5.31
CA GLY C 9 -4.01 -21.10 -5.06
C GLY C 9 -2.73 -21.65 -4.43
N LYS C 10 -2.28 -22.81 -4.94
CA LYS C 10 -1.16 -23.54 -4.34
C LYS C 10 0.20 -22.99 -4.75
N LYS C 11 1.23 -23.39 -4.00
CA LYS C 11 2.64 -23.07 -4.31
C LYS C 11 3.09 -23.70 -5.62
N ILE C 12 3.91 -22.96 -6.36
CA ILE C 12 4.60 -23.50 -7.53
C ILE C 12 6.01 -22.90 -7.53
N GLU C 19 8.18 -16.78 -2.81
CA GLU C 19 7.01 -17.65 -2.88
C GLU C 19 6.28 -17.31 -4.16
N LEU C 20 6.07 -18.31 -5.00
CA LEU C 20 5.31 -18.16 -6.23
C LEU C 20 4.13 -19.12 -6.14
N ARG C 21 2.94 -18.62 -6.43
CA ARG C 21 1.71 -19.40 -6.34
C ARG C 21 0.94 -19.38 -7.65
N LEU C 22 0.16 -20.42 -7.88
CA LEU C 22 -0.78 -20.45 -8.98
C LEU C 22 -1.99 -19.57 -8.62
N GLY C 23 -2.56 -18.90 -9.61
CA GLY C 23 -3.76 -18.09 -9.39
C GLY C 23 -4.69 -18.10 -10.57
N LYS C 24 -5.77 -17.34 -10.47
CA LYS C 24 -6.75 -17.26 -11.54
C LYS C 24 -7.30 -15.84 -11.64
N ASN C 25 -7.42 -15.34 -12.87
CA ASN C 25 -8.19 -14.11 -13.12
C ASN C 25 -9.66 -14.49 -13.09
N LEU C 26 -10.42 -13.86 -12.18
CA LEU C 26 -11.84 -14.23 -11.96
C LEU C 26 -12.75 -13.99 -13.17
N TYR C 27 -12.46 -12.95 -13.93
CA TYR C 27 -13.37 -12.54 -15.01
C TYR C 27 -13.05 -13.24 -16.34
N THR C 28 -11.79 -13.64 -16.54
CA THR C 28 -11.37 -14.41 -17.71
C THR C 28 -11.37 -15.92 -17.46
N ASN C 29 -11.24 -16.31 -16.19
CA ASN C 29 -10.94 -17.70 -15.82
C ASN C 29 -9.59 -18.19 -16.40
N GLU C 30 -8.69 -17.26 -16.71
CA GLU C 30 -7.33 -17.59 -17.16
C GLU C 30 -6.44 -17.76 -15.93
N TYR C 31 -5.57 -18.76 -15.95
CA TYR C 31 -4.60 -18.96 -14.86
C TYR C 31 -3.44 -17.96 -14.96
N VAL C 32 -2.91 -17.58 -13.79
CA VAL C 32 -1.80 -16.63 -13.70
C VAL C 32 -0.78 -17.15 -12.68
N ALA C 33 0.38 -16.52 -12.61
CA ALA C 33 1.33 -16.79 -11.56
C ALA C 33 1.32 -15.59 -10.63
N ILE C 34 1.44 -15.83 -9.34
CA ILE C 34 1.39 -14.75 -8.35
C ILE C 34 2.61 -14.84 -7.44
N LYS C 35 3.46 -13.81 -7.47
CA LYS C 35 4.65 -13.77 -6.64
C LYS C 35 4.24 -13.00 -5.38
N LEU C 36 4.57 -13.51 -4.21
CA LEU C 36 4.13 -12.91 -2.95
C LEU C 36 5.30 -12.51 -2.07
N GLU C 37 5.22 -11.34 -1.45
CA GLU C 37 6.23 -10.85 -0.49
C GLU C 37 5.51 -10.38 0.77
N PRO C 38 5.97 -10.83 1.96
CA PRO C 38 5.36 -10.33 3.19
C PRO C 38 5.25 -8.82 3.20
N ILE C 39 4.05 -8.33 3.49
CA ILE C 39 3.76 -6.90 3.46
C ILE C 39 4.59 -6.15 4.51
N LYS C 40 4.92 -6.83 5.61
CA LYS C 40 5.69 -6.23 6.70
C LYS C 40 7.19 -6.48 6.55
N SER C 41 7.66 -6.71 5.32
CA SER C 41 9.06 -7.04 5.10
C SER C 41 9.98 -5.87 5.42
N ARG C 42 11.03 -6.16 6.19
CA ARG C 42 12.24 -5.35 6.18
C ARG C 42 12.99 -5.80 4.93
N ALA C 43 13.45 -4.84 4.12
CA ALA C 43 14.04 -5.12 2.80
C ALA C 43 13.02 -5.59 1.74
N PRO C 44 11.99 -4.77 1.47
CA PRO C 44 11.04 -5.13 0.41
C PRO C 44 11.68 -4.94 -0.98
N GLN C 45 11.67 -5.99 -1.78
CA GLN C 45 12.28 -5.98 -3.11
C GLN C 45 11.27 -6.14 -4.26
N LEU C 46 10.09 -6.68 -3.98
CA LEU C 46 9.14 -7.07 -5.04
C LEU C 46 8.62 -5.87 -5.84
N HIS C 47 8.43 -4.75 -5.15
CA HIS C 47 8.05 -3.47 -5.80
C HIS C 47 9.08 -3.06 -6.84
N LEU C 48 10.36 -3.26 -6.53
CA LEU C 48 11.48 -2.93 -7.42
C LEU C 48 11.46 -3.80 -8.67
N GLU C 49 11.22 -5.10 -8.46
CA GLU C 49 11.14 -6.03 -9.57
C GLU C 49 9.94 -5.73 -10.46
N TYR C 50 8.82 -5.35 -9.84
CA TYR C 50 7.66 -4.89 -10.59
C TYR C 50 8.02 -3.71 -11.50
N ARG C 51 8.80 -2.77 -10.97
CA ARG C 51 9.24 -1.59 -11.72
C ARG C 51 10.04 -1.98 -12.97
N PHE C 52 10.94 -2.95 -12.80
CA PHE C 52 11.73 -3.46 -13.92
C PHE C 52 10.84 -4.11 -15.00
N TYR C 53 9.87 -4.93 -14.59
CA TYR C 53 8.94 -5.57 -15.54
C TYR C 53 8.12 -4.54 -16.34
N LYS C 54 7.80 -3.41 -15.71
CA LYS C 54 7.06 -2.37 -16.39
C LYS C 54 7.98 -1.62 -17.37
N GLN C 55 9.22 -1.30 -16.97
CA GLN C 55 10.22 -0.78 -17.91
C GLN C 55 10.34 -1.63 -19.18
N LEU C 56 10.20 -2.93 -19.02
CA LEU C 56 10.34 -3.89 -20.12
C LEU C 56 9.01 -4.32 -20.75
N SER C 57 7.89 -3.69 -20.37
CA SER C 57 6.58 -4.23 -20.73
C SER C 57 6.35 -4.33 -22.26
N ALA C 58 6.99 -3.46 -23.03
CA ALA C 58 6.68 -3.31 -24.45
C ALA C 58 7.20 -4.42 -25.38
N THR C 59 7.75 -5.49 -24.80
CA THR C 59 8.18 -6.63 -25.60
C THR C 59 7.41 -7.90 -25.19
N GLU C 60 7.28 -8.82 -26.15
CA GLU C 60 6.60 -10.09 -25.94
C GLU C 60 7.51 -11.17 -25.37
N GLY C 61 8.77 -10.83 -25.12
CA GLY C 61 9.71 -11.79 -24.54
C GLY C 61 9.78 -11.81 -23.02
N VAL C 62 8.94 -11.00 -22.38
CA VAL C 62 8.79 -11.00 -20.92
C VAL C 62 7.36 -11.40 -20.60
N PRO C 63 7.14 -11.99 -19.40
CA PRO C 63 5.74 -12.16 -18.99
C PRO C 63 5.03 -10.82 -18.76
N GLN C 64 3.76 -10.73 -19.12
CA GLN C 64 2.98 -9.54 -18.82
C GLN C 64 2.75 -9.50 -17.31
N VAL C 65 2.74 -8.29 -16.74
CA VAL C 65 2.35 -8.09 -15.35
C VAL C 65 0.98 -7.46 -15.36
N TYR C 66 0.12 -7.92 -14.44
CA TYR C 66 -1.26 -7.46 -14.39
C TYR C 66 -1.58 -6.65 -13.15
N TYR C 67 -0.80 -6.82 -12.08
CA TYR C 67 -1.13 -6.20 -10.80
C TYR C 67 0.07 -6.19 -9.87
N PHE C 68 0.26 -5.10 -9.14
CA PHE C 68 1.09 -5.08 -7.95
C PHE C 68 0.35 -4.37 -6.82
N GLY C 69 0.26 -5.02 -5.67
CA GLY C 69 -0.42 -4.44 -4.52
C GLY C 69 -0.69 -5.49 -3.48
N PRO C 70 -1.45 -5.14 -2.43
CA PRO C 70 -1.80 -6.08 -1.36
C PRO C 70 -2.73 -7.25 -1.76
N GLY C 72 -3.75 -9.48 1.04
CA GLY C 72 -3.78 -9.91 2.45
C GLY C 72 -2.57 -9.50 3.25
N LYS C 73 -1.93 -10.46 3.93
CA LYS C 73 -0.72 -10.20 4.73
C LYS C 73 0.55 -10.11 3.84
N TYR C 74 0.35 -10.01 2.52
CA TYR C 74 1.43 -9.98 1.55
C TYR C 74 1.18 -8.85 0.55
N ASN C 75 2.26 -8.42 -0.11
CA ASN C 75 2.17 -7.71 -1.37
C ASN C 75 2.27 -8.75 -2.46
N ALA C 76 1.59 -8.52 -3.58
CA ALA C 76 1.52 -9.50 -4.66
C ALA C 76 1.82 -8.86 -6.00
N MET C 77 2.59 -9.58 -6.81
CA MET C 77 2.77 -9.23 -8.21
C MET C 77 2.16 -10.36 -9.03
N VAL C 78 1.15 -10.00 -9.83
CA VAL C 78 0.46 -10.98 -10.65
C VAL C 78 0.99 -10.92 -12.07
N LEU C 79 1.43 -12.07 -12.56
CA LEU C 79 2.08 -12.14 -13.87
C LEU C 79 1.46 -13.22 -14.72
N GLU C 80 1.68 -13.08 -16.02
CA GLU C 80 1.36 -14.10 -16.99
C GLU C 80 2.02 -15.42 -16.60
N LEU C 81 1.27 -16.51 -16.78
CA LEU C 81 1.77 -17.85 -16.52
C LEU C 81 2.37 -18.41 -17.81
N LEU C 82 3.64 -18.80 -17.74
CA LEU C 82 4.38 -19.30 -18.89
C LEU C 82 4.65 -20.81 -18.72
N GLY C 83 5.41 -21.39 -19.63
CA GLY C 83 5.68 -22.82 -19.60
C GLY C 83 6.90 -23.18 -18.76
N PRO C 84 7.48 -24.36 -19.00
CA PRO C 84 8.68 -24.82 -18.33
C PRO C 84 9.95 -24.04 -18.69
N SER C 85 10.94 -24.12 -17.83
CA SER C 85 12.22 -23.48 -18.05
C SER C 85 13.07 -24.32 -18.97
N LEU C 86 14.17 -23.72 -19.44
CA LEU C 86 15.14 -24.45 -20.23
C LEU C 86 15.81 -25.56 -19.44
N GLU C 87 15.95 -25.37 -18.12
CA GLU C 87 16.48 -26.43 -17.27
C GLU C 87 15.53 -27.60 -17.20
N ASP C 88 14.24 -27.32 -17.01
CA ASP C 88 13.20 -28.36 -16.99
C ASP C 88 13.22 -29.19 -18.26
N LEU C 89 13.30 -28.49 -19.38
CA LEU C 89 13.36 -29.10 -20.72
C LEU C 89 14.70 -29.78 -20.97
N PHE C 90 15.77 -29.22 -20.40
CA PHE C 90 17.09 -29.83 -20.47
C PHE C 90 17.08 -31.22 -19.85
N ASP C 91 16.50 -31.31 -18.66
CA ASP C 91 16.33 -32.58 -17.95
C ASP C 91 15.51 -33.57 -18.78
N LEU C 92 14.42 -33.07 -19.35
CA LEU C 92 13.53 -33.83 -20.23
C LEU C 92 14.26 -34.46 -21.42
N CYS C 93 15.27 -33.75 -21.93
CA CYS C 93 16.02 -34.19 -23.10
C CYS C 93 17.35 -34.85 -22.74
N ASP C 94 17.38 -35.49 -21.56
CA ASP C 94 18.56 -36.21 -21.07
C ASP C 94 19.82 -35.34 -21.03
N ARG C 95 19.63 -34.07 -20.61
CA ARG C 95 20.73 -33.19 -20.27
C ARG C 95 21.76 -33.00 -21.39
N THR C 96 21.28 -32.95 -22.63
CA THR C 96 22.04 -32.40 -23.77
C THR C 96 21.01 -31.84 -24.78
N PHE C 97 21.43 -30.80 -25.51
CA PHE C 97 20.64 -30.25 -26.60
C PHE C 97 21.42 -30.34 -27.91
N THR C 98 20.69 -30.54 -29.00
CA THR C 98 21.26 -30.51 -30.33
C THR C 98 21.65 -29.08 -30.71
N LEU C 99 22.51 -28.97 -31.72
CA LEU C 99 22.99 -27.68 -32.18
C LEU C 99 21.85 -26.78 -32.65
N LYS C 100 20.91 -27.35 -33.41
CA LYS C 100 19.79 -26.57 -33.93
C LYS C 100 19.07 -25.87 -32.80
N THR C 101 18.73 -26.61 -31.75
CA THR C 101 17.92 -26.08 -30.66
C THR C 101 18.71 -25.04 -29.85
N VAL C 102 19.97 -25.32 -29.57
CA VAL C 102 20.84 -24.35 -28.90
C VAL C 102 20.89 -23.03 -29.70
N LEU C 103 20.99 -23.14 -31.02
CA LEU C 103 21.08 -21.95 -31.87
C LEU C 103 19.78 -21.14 -31.87
N MET C 104 18.65 -21.83 -31.91
CA MET C 104 17.34 -21.18 -31.86
C MET C 104 17.17 -20.44 -30.55
N ILE C 105 17.59 -21.10 -29.47
CA ILE C 105 17.62 -20.47 -28.15
C ILE C 105 18.52 -19.25 -28.15
N ALA C 106 19.76 -19.45 -28.58
CA ALA C 106 20.81 -18.42 -28.54
C ALA C 106 20.45 -17.16 -29.30
N ILE C 107 19.92 -17.33 -30.51
CA ILE C 107 19.55 -16.19 -31.32
C ILE C 107 18.49 -15.38 -30.58
N GLN C 108 17.47 -16.06 -30.09
CA GLN C 108 16.39 -15.41 -29.32
C GLN C 108 16.89 -14.69 -28.04
N LEU C 109 17.77 -15.35 -27.28
CA LEU C 109 18.28 -14.78 -26.04
C LEU C 109 19.26 -13.61 -26.21
N ILE C 110 20.07 -13.62 -27.26
CA ILE C 110 20.87 -12.43 -27.60
C ILE C 110 19.90 -11.24 -27.83
N THR C 111 18.88 -11.47 -28.62
CA THR C 111 17.87 -10.44 -28.89
C THR C 111 17.16 -10.00 -27.62
N ARG C 112 16.80 -10.99 -26.79
CA ARG C 112 16.16 -10.70 -25.50
C ARG C 112 17.09 -9.83 -24.62
N MET C 113 18.36 -10.24 -24.51
CA MET C 113 19.35 -9.50 -23.74
C MET C 113 19.58 -8.13 -24.34
N GLU C 114 19.64 -8.05 -25.66
CA GLU C 114 19.73 -6.74 -26.29
C GLU C 114 18.59 -5.86 -25.79
N TYR C 115 17.36 -6.39 -25.78
CA TYR C 115 16.19 -5.57 -25.44
C TYR C 115 16.27 -5.08 -24.00
N VAL C 116 16.68 -5.96 -23.10
CA VAL C 116 16.86 -5.58 -21.70
C VAL C 116 17.89 -4.44 -21.62
N HIS C 117 19.05 -4.64 -22.24
CA HIS C 117 20.11 -3.64 -22.25
C HIS C 117 19.62 -2.32 -22.88
N THR C 118 18.86 -2.42 -23.98
CA THR C 118 18.27 -1.27 -24.65
C THR C 118 17.40 -0.45 -23.69
N LYS C 119 16.80 -1.13 -22.71
CA LYS C 119 15.97 -0.46 -21.71
C LYS C 119 16.76 -0.07 -20.45
N SER C 120 18.09 0.05 -20.59
CA SER C 120 18.99 0.62 -19.57
C SER C 120 19.23 -0.28 -18.38
N LEU C 121 18.97 -1.57 -18.54
CA LEU C 121 19.12 -2.53 -17.46
C LEU C 121 20.09 -3.61 -17.84
N ILE C 122 20.88 -4.04 -16.86
CA ILE C 122 21.63 -5.28 -16.94
C ILE C 122 20.92 -6.30 -16.04
N TYR C 123 21.08 -7.57 -16.38
CA TYR C 123 20.24 -8.64 -15.83
C TYR C 123 20.89 -9.40 -14.67
N ARG C 124 22.13 -9.82 -14.86
CA ARG C 124 22.97 -10.31 -13.75
C ARG C 124 22.48 -11.62 -13.10
N ASP C 125 21.54 -12.33 -13.74
CA ASP C 125 21.04 -13.62 -13.22
C ASP C 125 20.73 -14.62 -14.36
N VAL C 126 21.65 -14.74 -15.31
CA VAL C 126 21.54 -15.71 -16.40
C VAL C 126 21.70 -17.13 -15.85
N LYS C 127 20.67 -17.94 -16.10
CA LYS C 127 20.70 -19.37 -15.81
C LYS C 127 19.49 -19.99 -16.50
N PRO C 128 19.60 -21.27 -16.88
CA PRO C 128 18.50 -21.91 -17.67
C PRO C 128 17.15 -21.97 -16.94
N GLU C 129 17.18 -21.89 -15.61
CA GLU C 129 15.97 -21.79 -14.82
C GLU C 129 15.16 -20.52 -15.10
N ASN C 130 15.83 -19.46 -15.54
CA ASN C 130 15.18 -18.15 -15.72
C ASN C 130 14.77 -17.84 -17.16
N PHE C 131 14.82 -18.84 -18.02
CA PHE C 131 14.26 -18.70 -19.37
C PHE C 131 13.18 -19.75 -19.59
N LEU C 132 12.00 -19.27 -19.94
CA LEU C 132 10.82 -20.12 -20.02
C LEU C 132 10.24 -20.08 -21.40
N VAL C 133 9.85 -21.24 -21.90
CA VAL C 133 9.00 -21.28 -23.08
C VAL C 133 7.60 -20.78 -22.71
N GLY C 134 6.80 -20.47 -23.71
CA GLY C 134 5.44 -20.04 -23.45
C GLY C 134 4.61 -21.21 -22.95
N ARG C 135 3.39 -20.91 -22.55
CA ARG C 135 2.49 -21.91 -22.03
C ARG C 135 2.01 -22.77 -23.19
N PRO C 136 2.12 -24.12 -23.07
CA PRO C 136 1.65 -25.05 -24.09
C PRO C 136 0.28 -24.68 -24.64
N GLY C 137 0.13 -24.72 -25.96
CA GLY C 137 -1.15 -24.42 -26.59
C GLY C 137 -1.34 -22.94 -26.82
N GLN C 141 3.82 -19.96 -27.58
CA GLN C 141 4.25 -21.10 -26.77
C GLN C 141 5.67 -21.50 -27.11
N HIS C 142 6.12 -21.16 -28.31
CA HIS C 142 7.46 -21.54 -28.77
C HIS C 142 8.55 -20.48 -28.52
N ALA C 143 8.12 -19.29 -28.08
CA ALA C 143 9.04 -18.21 -27.77
C ALA C 143 9.69 -18.44 -26.42
N ILE C 144 10.94 -18.02 -26.31
CA ILE C 144 11.67 -18.13 -25.06
C ILE C 144 11.62 -16.80 -24.34
N HIS C 145 11.29 -16.84 -23.06
CA HIS C 145 11.02 -15.63 -22.28
C HIS C 145 12.04 -15.48 -21.16
N ILE C 146 12.24 -14.23 -20.74
CA ILE C 146 13.11 -13.95 -19.61
C ILE C 146 12.28 -13.56 -18.39
N ILE C 147 12.64 -14.14 -17.25
CA ILE C 147 11.96 -13.87 -15.99
C ILE C 147 12.96 -13.54 -14.89
N ASP C 148 12.44 -13.08 -13.76
CA ASP C 148 13.17 -12.88 -12.50
C ASP C 148 14.25 -11.78 -12.61
N PHE C 149 13.82 -10.56 -12.33
CA PHE C 149 14.68 -9.39 -12.33
C PHE C 149 15.06 -8.96 -10.90
N GLY C 150 15.11 -9.95 -10.01
CA GLY C 150 15.53 -9.75 -8.63
C GLY C 150 16.96 -9.27 -8.49
N LEU C 151 17.82 -9.66 -9.44
CA LEU C 151 19.22 -9.23 -9.46
C LEU C 151 19.53 -8.13 -10.46
N ALA C 152 18.54 -7.70 -11.22
CA ALA C 152 18.74 -6.71 -12.27
C ALA C 152 19.11 -5.36 -11.68
N LYS C 153 19.64 -4.49 -12.53
CA LYS C 153 20.18 -3.18 -12.13
C LYS C 153 20.21 -2.23 -13.33
N GLU C 154 19.86 -0.95 -13.11
CA GLU C 154 20.04 0.10 -14.11
C GLU C 154 21.53 0.40 -14.26
N TYR C 155 22.05 0.29 -15.49
CA TYR C 155 23.46 0.62 -15.76
C TYR C 155 23.61 2.03 -16.36
N ILE C 156 22.49 2.69 -16.64
CA ILE C 156 22.48 4.09 -17.04
C ILE C 156 21.76 4.88 -15.97
N ASP C 157 22.47 5.80 -15.31
CA ASP C 157 21.82 6.74 -14.38
C ASP C 157 20.79 7.62 -15.11
N PRO C 158 19.55 7.70 -14.58
CA PRO C 158 18.51 8.34 -15.35
C PRO C 158 18.62 9.87 -15.41
N GLU C 159 19.34 10.45 -14.45
CA GLU C 159 19.54 11.90 -14.37
C GLU C 159 20.68 12.33 -15.26
N THR C 160 21.82 11.69 -15.06
CA THR C 160 23.02 11.99 -15.82
C THR C 160 23.01 11.40 -17.23
N LYS C 161 22.18 10.37 -17.43
CA LYS C 161 22.11 9.66 -18.71
C LYS C 161 23.44 8.93 -19.02
N LYS C 162 24.28 8.74 -18.00
CA LYS C 162 25.62 8.21 -18.19
C LYS C 162 25.74 6.84 -17.54
N HIS C 163 26.57 5.99 -18.15
CA HIS C 163 26.81 4.61 -17.72
C HIS C 163 27.37 4.61 -16.30
N ILE C 164 27.00 3.62 -15.49
CA ILE C 164 27.51 3.52 -14.12
C ILE C 164 29.03 3.37 -14.10
N PRO C 165 29.68 3.88 -13.04
CA PRO C 165 31.13 3.81 -12.99
C PRO C 165 31.67 2.39 -12.84
N TYR C 166 32.89 2.19 -13.30
CA TYR C 166 33.62 0.97 -13.06
C TYR C 166 33.91 0.90 -11.56
N ARG C 167 33.85 -0.29 -11.01
CA ARG C 167 34.00 -0.51 -9.57
C ARG C 167 34.57 -1.92 -9.38
N GLU C 168 35.33 -2.12 -8.32
CA GLU C 168 35.89 -3.41 -7.99
C GLU C 168 35.40 -3.90 -6.62
N HIS C 169 35.87 -5.08 -6.21
CA HIS C 169 35.57 -5.66 -4.89
C HIS C 169 34.09 -5.76 -4.53
N LYS C 170 33.26 -6.02 -5.55
CA LYS C 170 31.86 -6.34 -5.34
C LYS C 170 31.79 -7.75 -4.77
N SER C 171 30.75 -7.99 -3.97
CA SER C 171 30.59 -9.28 -3.32
C SER C 171 29.66 -10.09 -4.20
N LEU C 172 29.87 -11.40 -4.18
CA LEU C 172 29.31 -12.26 -5.18
C LEU C 172 27.99 -12.86 -4.79
N THR C 173 27.02 -12.54 -5.61
CA THR C 173 25.73 -13.18 -5.57
C THR C 173 25.48 -13.56 -7.02
N GLY C 174 24.80 -14.69 -7.21
CA GLY C 174 24.62 -15.23 -8.55
C GLY C 174 25.00 -16.71 -8.58
N THR C 175 24.64 -17.36 -9.69
CA THR C 175 24.87 -18.78 -9.87
C THR C 175 26.27 -18.83 -10.37
N ALA C 176 27.18 -19.37 -9.54
CA ALA C 176 28.60 -19.42 -9.87
C ALA C 176 28.83 -20.04 -11.25
N ARG C 177 28.02 -21.02 -11.62
CA ARG C 177 28.29 -21.83 -12.81
C ARG C 177 28.35 -21.03 -14.12
N TYR C 178 27.48 -20.04 -14.25
CA TYR C 178 27.35 -19.35 -15.54
C TYR C 178 28.10 -18.03 -15.56
N MET C 179 28.48 -17.54 -14.38
CA MET C 179 28.99 -16.18 -14.28
C MET C 179 30.28 -15.96 -15.08
N SER C 180 30.45 -14.72 -15.54
CA SER C 180 31.60 -14.34 -16.31
C SER C 180 32.85 -14.36 -15.42
N ILE C 181 34.00 -14.39 -16.09
CA ILE C 181 35.27 -14.38 -15.38
C ILE C 181 35.44 -13.06 -14.60
N ASN C 182 35.06 -11.95 -15.22
CA ASN C 182 35.23 -10.66 -14.58
C ASN C 182 34.27 -10.47 -13.38
N THR C 183 33.11 -11.11 -13.42
CA THR C 183 32.20 -11.14 -12.27
C THR C 183 32.86 -11.86 -11.12
N HIS C 184 33.41 -13.04 -11.41
CA HIS C 184 34.18 -13.81 -10.45
C HIS C 184 35.23 -12.97 -9.73
N LEU C 185 35.87 -12.07 -10.47
CA LEU C 185 36.94 -11.23 -9.94
C LEU C 185 36.45 -10.03 -9.09
N GLY C 186 35.14 -9.89 -8.90
CA GLY C 186 34.58 -8.83 -8.06
C GLY C 186 34.31 -7.52 -8.79
N LYS C 187 34.38 -7.52 -10.11
CA LYS C 187 34.14 -6.31 -10.89
C LYS C 187 32.65 -6.03 -11.01
N GLU C 188 32.29 -4.73 -11.06
CA GLU C 188 30.93 -4.32 -11.40
C GLU C 188 30.56 -4.98 -12.72
N GLN C 189 29.41 -5.66 -12.73
CA GLN C 189 28.90 -6.26 -13.94
C GLN C 189 28.37 -5.23 -14.90
N SER C 190 28.60 -5.45 -16.19
CA SER C 190 28.02 -4.60 -17.23
C SER C 190 27.48 -5.48 -18.33
N ARG C 191 27.15 -4.89 -19.47
CA ARG C 191 26.51 -5.62 -20.56
C ARG C 191 27.24 -6.86 -21.00
N ARG C 192 28.55 -6.74 -21.08
CA ARG C 192 29.41 -7.85 -21.50
C ARG C 192 29.17 -9.12 -20.70
N ASP C 193 28.88 -8.93 -19.41
CA ASP C 193 28.87 -10.04 -18.47
C ASP C 193 27.58 -10.87 -18.64
N ASP C 194 26.50 -10.21 -19.03
CA ASP C 194 25.27 -10.92 -19.38
C ASP C 194 25.54 -11.82 -20.59
N LEU C 195 26.20 -11.28 -21.60
CA LEU C 195 26.49 -12.04 -22.83
C LEU C 195 27.52 -13.15 -22.65
N GLU C 196 28.50 -12.97 -21.77
CA GLU C 196 29.44 -14.04 -21.46
C GLU C 196 28.72 -15.20 -20.75
N ALA C 197 27.87 -14.85 -19.80
CA ALA C 197 27.09 -15.85 -19.05
C ALA C 197 26.15 -16.67 -19.96
N LEU C 198 25.56 -16.01 -20.92
CA LEU C 198 24.79 -16.71 -21.96
C LEU C 198 25.67 -17.73 -22.67
N GLY C 199 26.87 -17.28 -23.04
CA GLY C 199 27.84 -18.10 -23.75
C GLY C 199 28.17 -19.37 -23.00
N HIS C 200 28.37 -19.24 -21.69
CA HIS C 200 28.61 -20.38 -20.81
C HIS C 200 27.41 -21.33 -20.79
N MET C 201 26.22 -20.76 -20.77
CA MET C 201 25.00 -21.57 -20.77
C MET C 201 24.84 -22.32 -22.07
N PHE C 202 25.20 -21.69 -23.19
CA PHE C 202 25.11 -22.34 -24.50
C PHE C 202 26.03 -23.56 -24.54
N MET C 203 27.23 -23.44 -23.99
CA MET C 203 28.18 -24.56 -23.96
C MET C 203 27.76 -25.67 -23.01
N TYR C 204 27.16 -25.27 -21.89
CA TYR C 204 26.49 -26.17 -20.96
C TYR C 204 25.50 -27.07 -21.71
N PHE C 205 24.58 -26.45 -22.44
CA PHE C 205 23.58 -27.18 -23.24
C PHE C 205 24.19 -28.13 -24.28
N LEU C 206 25.24 -27.69 -24.95
CA LEU C 206 25.85 -28.48 -26.02
C LEU C 206 26.65 -29.65 -25.48
N ARG C 207 27.46 -29.39 -24.46
CA ARG C 207 28.34 -30.41 -23.84
C ARG C 207 27.58 -31.32 -22.89
N GLY C 208 26.52 -30.81 -22.28
CA GLY C 208 25.83 -31.55 -21.22
C GLY C 208 26.25 -31.05 -19.85
N SER C 209 27.45 -30.48 -19.78
CA SER C 209 27.97 -29.91 -18.54
C SER C 209 29.14 -28.98 -18.82
N LEU C 210 29.54 -28.24 -17.79
CA LEU C 210 30.71 -27.39 -17.85
C LEU C 210 31.80 -27.97 -16.93
N PRO C 211 33.08 -27.84 -17.33
CA PRO C 211 34.14 -28.51 -16.56
C PRO C 211 34.37 -28.00 -15.14
N TRP C 212 33.76 -26.87 -14.76
CA TRP C 212 33.85 -26.34 -13.40
C TRP C 212 32.59 -26.66 -12.56
N GLN C 213 31.65 -27.42 -13.13
CA GLN C 213 30.56 -28.02 -12.38
C GLN C 213 31.10 -29.02 -11.36
N GLY C 214 30.47 -29.05 -10.20
CA GLY C 214 30.75 -30.05 -9.18
C GLY C 214 31.89 -29.69 -8.27
N LEU C 215 32.44 -28.48 -8.41
CA LEU C 215 33.54 -28.05 -7.56
C LEU C 215 33.01 -27.61 -6.21
N LYS C 216 33.74 -28.01 -5.17
CA LYS C 216 33.36 -27.75 -3.80
C LYS C 216 34.54 -27.10 -3.05
N ALA C 217 34.24 -26.30 -2.01
CA ALA C 217 35.24 -25.60 -1.25
C ALA C 217 34.82 -25.48 0.20
N ASP C 218 35.73 -24.94 1.01
CA ASP C 218 35.54 -24.78 2.44
C ASP C 218 34.39 -23.82 2.75
N THR C 219 34.12 -22.89 1.82
CA THR C 219 33.06 -21.90 1.96
C THR C 219 32.43 -21.63 0.60
N LEU C 220 31.29 -20.97 0.57
CA LEU C 220 30.69 -20.55 -0.70
C LEU C 220 31.54 -19.50 -1.40
N LYS C 221 32.14 -18.62 -0.61
CA LYS C 221 33.04 -17.61 -1.15
C LYS C 221 34.22 -18.28 -1.85
N GLU C 222 34.85 -19.23 -1.18
CA GLU C 222 35.95 -19.97 -1.79
C GLU C 222 35.49 -20.85 -2.97
N ARG C 223 34.25 -21.34 -2.95
CA ARG C 223 33.70 -22.09 -4.09
C ARG C 223 33.64 -21.21 -5.33
N TYR C 224 33.12 -19.99 -5.17
CA TYR C 224 33.13 -18.99 -6.26
C TYR C 224 34.56 -18.85 -6.82
N GLN C 225 35.53 -18.72 -5.91
CA GLN C 225 36.93 -18.47 -6.26
C GLN C 225 37.50 -19.66 -7.04
N LYS C 226 37.24 -20.86 -6.54
CA LYS C 226 37.68 -22.13 -7.15
C LYS C 226 37.09 -22.28 -8.57
N ILE C 227 35.81 -21.95 -8.73
CA ILE C 227 35.15 -22.05 -10.04
C ILE C 227 35.70 -21.02 -10.99
N GLY C 228 36.02 -19.85 -10.47
CA GLY C 228 36.62 -18.79 -11.28
C GLY C 228 37.99 -19.16 -11.78
N ASP C 229 38.83 -19.67 -10.89
CA ASP C 229 40.14 -20.18 -11.23
C ASP C 229 40.08 -21.19 -12.40
N THR C 230 39.11 -22.09 -12.36
CA THR C 230 38.97 -23.13 -13.39
C THR C 230 38.49 -22.56 -14.73
N LYS C 231 37.58 -21.61 -14.68
CA LYS C 231 37.17 -20.90 -15.88
C LYS C 231 38.37 -20.22 -16.56
N ARG C 232 39.22 -19.59 -15.73
CA ARG C 232 40.44 -18.90 -16.21
C ARG C 232 41.47 -19.89 -16.75
N ALA C 233 41.53 -21.07 -16.15
CA ALA C 233 42.47 -22.08 -16.57
C ALA C 233 41.91 -23.02 -17.65
N THR C 234 40.70 -22.75 -18.15
CA THR C 234 40.11 -23.57 -19.22
C THR C 234 40.11 -22.73 -20.48
N PRO C 235 40.93 -23.09 -21.46
CA PRO C 235 40.95 -22.33 -22.70
C PRO C 235 39.70 -22.55 -23.49
N ILE C 236 39.22 -21.49 -24.14
CA ILE C 236 38.02 -21.52 -24.99
C ILE C 236 38.14 -22.63 -26.05
N GLU C 237 39.37 -22.83 -26.52
CA GLU C 237 39.71 -23.88 -27.49
C GLU C 237 39.34 -25.27 -26.97
N VAL C 238 39.56 -25.48 -25.67
CA VAL C 238 39.23 -26.72 -24.98
C VAL C 238 37.73 -26.81 -24.63
N LEU C 239 37.18 -25.73 -24.09
CA LEU C 239 35.76 -25.69 -23.76
C LEU C 239 34.89 -25.97 -24.98
N CYS C 240 35.26 -25.42 -26.13
CA CYS C 240 34.47 -25.54 -27.35
C CYS C 240 35.01 -26.57 -28.34
N GLU C 241 36.02 -27.32 -27.91
CA GLU C 241 36.57 -28.44 -28.68
C GLU C 241 35.45 -29.38 -29.12
N ASN C 242 35.46 -29.74 -30.41
CA ASN C 242 34.43 -30.61 -31.03
C ASN C 242 33.07 -29.91 -31.23
N PHE C 243 33.03 -28.59 -31.10
CA PHE C 243 31.84 -27.82 -31.42
C PHE C 243 32.18 -26.71 -32.42
N PRO C 244 31.17 -26.21 -33.16
CA PRO C 244 31.43 -25.17 -34.15
C PRO C 244 32.32 -24.03 -33.65
N GLU C 245 33.09 -23.44 -34.56
CA GLU C 245 34.01 -22.35 -34.23
C GLU C 245 33.25 -21.10 -33.73
N GLU C 246 32.05 -20.87 -34.26
CA GLU C 246 31.26 -19.67 -33.86
C GLU C 246 31.03 -19.63 -32.34
N MET C 247 30.99 -20.80 -31.71
CA MET C 247 30.83 -20.89 -30.26
C MET C 247 32.02 -20.24 -29.57
N ALA C 248 33.20 -20.63 -30.02
CA ALA C 248 34.46 -20.03 -29.54
C ALA C 248 34.53 -18.56 -29.95
N THR C 249 34.23 -18.28 -31.21
CA THR C 249 34.23 -16.91 -31.67
C THR C 249 33.33 -16.00 -30.81
N TYR C 250 32.12 -16.48 -30.50
CA TYR C 250 31.20 -15.79 -29.59
C TYR C 250 31.89 -15.52 -28.25
N LEU C 251 32.44 -16.55 -27.63
CA LEU C 251 33.03 -16.42 -26.30
C LEU C 251 34.26 -15.53 -26.27
N ARG C 252 35.12 -15.62 -27.29
CA ARG C 252 36.30 -14.75 -27.39
C ARG C 252 35.89 -13.30 -27.53
N TYR C 253 34.92 -13.05 -28.39
CA TYR C 253 34.43 -11.69 -28.59
C TYR C 253 33.96 -11.10 -27.27
N VAL C 254 33.03 -11.79 -26.58
CA VAL C 254 32.42 -11.25 -25.38
C VAL C 254 33.39 -11.16 -24.21
N ARG C 255 34.30 -12.12 -24.10
CA ARG C 255 35.33 -12.08 -23.05
C ARG C 255 36.26 -10.86 -23.20
N ARG C 256 36.46 -10.38 -24.44
CA ARG C 256 37.35 -9.25 -24.71
C ARG C 256 36.69 -7.86 -24.62
N LEU C 257 35.37 -7.82 -24.44
CA LEU C 257 34.64 -6.56 -24.38
C LEU C 257 35.07 -5.75 -23.16
N ASP C 258 35.16 -4.43 -23.33
CA ASP C 258 35.50 -3.58 -22.20
C ASP C 258 34.24 -3.24 -21.39
N PHE C 259 34.47 -2.79 -20.16
CA PHE C 259 33.37 -2.54 -19.21
C PHE C 259 32.24 -1.66 -19.76
N PHE C 260 32.61 -0.53 -20.35
CA PHE C 260 31.64 0.42 -20.88
C PHE C 260 31.18 0.09 -22.31
N GLU C 261 31.74 -0.92 -22.93
CA GLU C 261 31.54 -1.15 -24.35
C GLU C 261 30.16 -1.70 -24.70
N LYS C 262 29.55 -1.13 -25.73
CA LYS C 262 28.29 -1.60 -26.29
C LYS C 262 28.59 -2.81 -27.16
N PRO C 263 28.04 -3.96 -26.80
CA PRO C 263 28.24 -5.13 -27.66
C PRO C 263 27.61 -4.97 -29.05
N ASP C 264 28.22 -5.63 -30.04
CA ASP C 264 27.65 -5.72 -31.38
C ASP C 264 26.74 -6.93 -31.43
N TYR C 265 25.48 -6.72 -31.05
CA TYR C 265 24.52 -7.79 -30.94
C TYR C 265 24.23 -8.39 -32.31
N ASP C 266 24.11 -7.53 -33.33
CA ASP C 266 23.90 -7.92 -34.72
C ASP C 266 24.96 -8.90 -35.23
N TYR C 267 26.22 -8.64 -34.89
CA TYR C 267 27.36 -9.49 -35.28
C TYR C 267 27.24 -10.88 -34.68
N LEU C 268 26.99 -10.94 -33.37
CA LEU C 268 26.88 -12.19 -32.62
C LEU C 268 25.74 -13.04 -33.13
N ARG C 269 24.62 -12.38 -33.41
CA ARG C 269 23.46 -13.02 -33.99
C ARG C 269 23.81 -13.60 -35.36
N LYS C 270 24.51 -12.83 -36.19
CA LYS C 270 24.92 -13.28 -37.54
C LYS C 270 25.87 -14.48 -37.48
N LEU C 271 26.78 -14.51 -36.49
CA LEU C 271 27.61 -15.70 -36.27
C LEU C 271 26.74 -16.94 -36.27
N PHE C 272 25.64 -16.87 -35.52
CA PHE C 272 24.77 -18.01 -35.29
C PHE C 272 23.74 -18.23 -36.40
N THR C 273 23.25 -17.14 -37.00
CA THR C 273 22.31 -17.25 -38.10
C THR C 273 23.01 -17.78 -39.36
N ASP C 274 24.26 -17.39 -39.57
CA ASP C 274 25.07 -17.94 -40.66
C ASP C 274 25.33 -19.44 -40.49
N LEU C 275 25.72 -19.85 -39.29
CA LEU C 275 25.95 -21.25 -38.98
C LEU C 275 24.67 -22.07 -39.11
N PHE C 276 23.56 -21.53 -38.62
CA PHE C 276 22.25 -22.21 -38.65
C PHE C 276 21.87 -22.53 -40.10
N ASP C 277 22.05 -21.54 -40.99
CA ASP C 277 21.77 -21.68 -42.42
C ASP C 277 22.73 -22.66 -43.11
N ARG C 278 24.02 -22.45 -42.89
CA ARG C 278 25.07 -23.34 -43.39
C ARG C 278 24.85 -24.80 -42.95
N SER C 279 24.31 -24.98 -41.74
CA SER C 279 24.00 -26.32 -41.21
C SER C 279 22.75 -26.95 -41.84
N GLY C 280 22.04 -26.17 -42.66
CA GLY C 280 20.83 -26.62 -43.34
C GLY C 280 19.61 -26.63 -42.44
N PHE C 281 19.69 -25.94 -41.30
CA PHE C 281 18.58 -25.90 -40.34
C PHE C 281 17.49 -24.98 -40.85
N VAL C 282 16.25 -25.28 -40.46
CA VAL C 282 15.10 -24.41 -40.72
C VAL C 282 14.58 -23.93 -39.37
N PHE C 283 14.28 -22.63 -39.26
CA PHE C 283 13.82 -22.05 -38.00
C PHE C 283 12.34 -22.41 -37.73
N ASP C 284 12.09 -23.70 -37.52
CA ASP C 284 10.74 -24.26 -37.38
C ASP C 284 10.13 -24.17 -35.97
N TYR C 285 10.92 -23.68 -35.02
CA TYR C 285 10.60 -23.75 -33.58
C TYR C 285 10.37 -25.20 -33.13
N GLU C 286 10.95 -26.17 -33.86
CA GLU C 286 10.83 -27.59 -33.52
C GLU C 286 12.07 -27.93 -32.70
N TYR C 287 11.95 -27.76 -31.39
CA TYR C 287 13.05 -27.98 -30.45
C TYR C 287 13.19 -29.48 -30.12
N ASP C 288 14.27 -29.82 -29.41
CA ASP C 288 14.52 -31.20 -28.98
C ASP C 288 13.35 -31.79 -28.23
N TRP C 289 12.67 -30.92 -27.48
CA TRP C 289 11.53 -31.31 -26.63
C TRP C 289 10.19 -31.33 -27.36
N ALA C 290 10.19 -31.09 -28.68
CA ALA C 290 8.96 -31.10 -29.45
C ALA C 290 8.30 -32.48 -29.39
N GLY C 291 6.98 -32.50 -29.21
CA GLY C 291 6.22 -33.75 -29.11
C GLY C 291 6.25 -34.41 -27.75
N LYS C 292 7.18 -34.01 -26.87
CA LYS C 292 7.28 -34.59 -25.54
C LYS C 292 6.23 -33.97 -24.63
N PRO C 293 5.70 -34.74 -23.66
CA PRO C 293 4.71 -34.17 -22.74
C PRO C 293 5.38 -33.29 -21.70
N LEU C 294 5.01 -32.01 -21.68
CA LEU C 294 5.69 -31.01 -20.84
C LEU C 294 5.00 -30.90 -19.47
N PRO C 295 5.78 -30.57 -18.41
CA PRO C 295 5.19 -30.46 -17.07
C PRO C 295 4.33 -29.20 -16.93
N THR C 296 3.25 -29.28 -16.14
CA THR C 296 2.45 -28.10 -15.80
C THR C 296 2.01 -28.16 -14.34
N PRO C 297 1.78 -26.99 -13.71
CA PRO C 297 1.12 -26.95 -12.41
C PRO C 297 -0.39 -27.25 -12.50
N MET D 2 36.30 -28.88 12.97
CA MET D 2 35.40 -29.95 12.40
C MET D 2 34.60 -29.55 11.16
N GLY D 3 34.33 -28.26 11.04
CA GLY D 3 33.84 -27.66 9.81
C GLY D 3 34.68 -27.97 8.59
N PRO D 4 36.04 -27.98 8.74
CA PRO D 4 36.96 -28.34 7.64
C PRO D 4 36.87 -29.77 7.17
N ASN D 5 36.16 -30.63 7.89
CA ASN D 5 35.94 -32.01 7.41
C ASN D 5 35.05 -32.09 6.18
N PHE D 6 34.43 -30.97 5.78
CA PHE D 6 33.47 -30.95 4.69
C PHE D 6 33.73 -29.87 3.68
N ARG D 7 33.35 -30.14 2.44
CA ARG D 7 33.27 -29.11 1.42
C ARG D 7 31.87 -28.98 0.85
N VAL D 8 31.57 -27.77 0.37
CA VAL D 8 30.24 -27.41 -0.07
C VAL D 8 30.21 -27.15 -1.59
N GLY D 9 29.18 -27.72 -2.24
CA GLY D 9 28.98 -27.67 -3.69
C GLY D 9 27.72 -26.92 -4.09
N LYS D 10 27.03 -27.46 -5.10
CA LYS D 10 25.88 -26.79 -5.69
C LYS D 10 24.60 -26.87 -4.85
N LYS D 11 23.65 -26.01 -5.21
CA LYS D 11 22.31 -26.02 -4.63
C LYS D 11 21.54 -27.29 -4.99
N ILE D 12 20.78 -27.80 -4.04
CA ILE D 12 19.81 -28.87 -4.26
C ILE D 12 18.54 -28.51 -3.47
N GLY D 18 14.88 -21.76 2.97
CA GLY D 18 16.20 -22.36 3.19
C GLY D 18 17.10 -22.35 1.96
N GLU D 19 18.34 -22.82 2.17
CA GLU D 19 19.29 -23.11 1.10
C GLU D 19 19.93 -24.43 1.51
N LEU D 20 19.77 -25.45 0.66
CA LEU D 20 20.32 -26.78 0.89
C LEU D 20 21.32 -27.02 -0.24
N ARG D 21 22.52 -27.49 0.12
CA ARG D 21 23.57 -27.72 -0.86
C ARG D 21 24.06 -29.15 -0.78
N LEU D 22 24.62 -29.61 -1.88
CA LEU D 22 25.37 -30.84 -1.92
C LEU D 22 26.77 -30.58 -1.32
N GLY D 23 27.31 -31.55 -0.61
CA GLY D 23 28.69 -31.45 -0.08
C GLY D 23 29.39 -32.80 -0.01
N LYS D 24 30.60 -32.81 0.54
CA LYS D 24 31.41 -34.03 0.65
C LYS D 24 32.09 -34.03 1.98
N ASN D 25 32.16 -35.20 2.59
CA ASN D 25 33.06 -35.43 3.71
C ASN D 25 34.41 -35.78 3.12
N LEU D 26 35.42 -34.98 3.42
CA LEU D 26 36.75 -35.07 2.75
C LEU D 26 37.54 -36.33 3.12
N TYR D 27 37.26 -36.88 4.29
CA TYR D 27 37.96 -38.04 4.84
C TYR D 27 37.34 -39.39 4.47
N THR D 28 36.03 -39.40 4.25
CA THR D 28 35.33 -40.55 3.73
C THR D 28 35.03 -40.46 2.21
N ASN D 29 35.10 -39.26 1.63
CA ASN D 29 34.66 -39.05 0.26
C ASN D 29 33.20 -39.45 0.04
N GLU D 30 32.41 -39.43 1.12
CA GLU D 30 30.94 -39.64 1.04
C GLU D 30 30.26 -38.28 0.85
N TYR D 31 29.25 -38.25 0.00
CA TYR D 31 28.42 -37.05 -0.14
C TYR D 31 27.51 -36.83 1.08
N VAL D 32 27.22 -35.56 1.36
CA VAL D 32 26.35 -35.15 2.44
C VAL D 32 25.44 -34.05 1.93
N ALA D 33 24.42 -33.69 2.70
CA ALA D 33 23.62 -32.50 2.40
C ALA D 33 24.02 -31.47 3.43
N ILE D 34 24.07 -30.21 3.02
CA ILE D 34 24.44 -29.10 3.91
C ILE D 34 23.38 -27.98 3.85
N LYS D 35 22.75 -27.75 5.00
CA LYS D 35 21.72 -26.73 5.12
C LYS D 35 22.42 -25.49 5.65
N LEU D 36 22.20 -24.35 4.98
CA LEU D 36 22.89 -23.11 5.29
C LEU D 36 21.95 -21.99 5.76
N GLU D 37 22.40 -21.25 6.78
CA GLU D 37 21.70 -20.08 7.30
C GLU D 37 22.66 -18.90 7.43
N PRO D 38 22.29 -17.72 6.90
CA PRO D 38 23.21 -16.58 7.03
C PRO D 38 23.65 -16.40 8.47
N ILE D 39 24.96 -16.27 8.70
CA ILE D 39 25.47 -16.14 10.06
C ILE D 39 24.95 -14.90 10.75
N LYS D 40 24.71 -13.83 9.98
CA LYS D 40 24.25 -12.56 10.54
C LYS D 40 22.72 -12.45 10.51
N SER D 41 22.04 -13.60 10.57
CA SER D 41 20.60 -13.65 10.52
C SER D 41 19.97 -13.00 11.76
N ARG D 42 19.02 -12.08 11.52
CA ARG D 42 18.00 -11.75 12.51
C ARG D 42 16.98 -12.88 12.40
N ALA D 43 16.59 -13.48 13.53
CA ALA D 43 15.76 -14.69 13.56
C ALA D 43 16.48 -15.98 13.10
N PRO D 44 17.57 -16.37 13.82
CA PRO D 44 18.27 -17.62 13.49
C PRO D 44 17.48 -18.82 13.98
N GLN D 45 17.12 -19.73 13.08
CA GLN D 45 16.34 -20.91 13.47
C GLN D 45 17.10 -22.23 13.27
N LEU D 46 18.19 -22.25 12.49
CA LEU D 46 18.86 -23.52 12.18
C LEU D 46 19.45 -24.24 13.39
N HIS D 47 20.00 -23.47 14.34
CA HIS D 47 20.54 -24.06 15.58
C HIS D 47 19.46 -24.81 16.31
N LEU D 48 18.22 -24.28 16.26
CA LEU D 48 17.10 -24.91 16.95
C LEU D 48 16.73 -26.22 16.26
N GLU D 49 16.76 -26.22 14.93
CA GLU D 49 16.48 -27.41 14.14
C GLU D 49 17.54 -28.47 14.37
N TYR D 50 18.78 -28.04 14.49
CA TYR D 50 19.86 -28.94 14.88
C TYR D 50 19.59 -29.60 16.24
N ARG D 51 19.14 -28.80 17.20
CA ARG D 51 18.81 -29.29 18.55
C ARG D 51 17.81 -30.42 18.48
N PHE D 52 16.76 -30.24 17.68
CA PHE D 52 15.74 -31.28 17.51
C PHE D 52 16.30 -32.55 16.90
N TYR D 53 17.12 -32.42 15.85
CA TYR D 53 17.72 -33.60 15.20
C TYR D 53 18.58 -34.39 16.18
N LYS D 54 19.21 -33.68 17.13
CA LYS D 54 20.03 -34.35 18.14
C LYS D 54 19.17 -35.01 19.21
N GLN D 55 18.10 -34.34 19.69
CA GLN D 55 17.09 -35.01 20.53
C GLN D 55 16.62 -36.34 19.89
N LEU D 56 16.51 -36.36 18.56
CA LEU D 56 16.03 -37.54 17.80
C LEU D 56 17.13 -38.45 17.26
N SER D 57 18.38 -38.22 17.67
CA SER D 57 19.51 -38.88 17.02
C SER D 57 19.46 -40.42 17.07
N ALA D 58 18.88 -40.95 18.16
CA ALA D 58 19.00 -42.37 18.48
C ALA D 58 18.12 -43.30 17.64
N THR D 59 17.45 -42.80 16.61
CA THR D 59 16.70 -43.66 15.69
C THR D 59 17.30 -43.56 14.27
N GLU D 60 17.06 -44.62 13.49
CA GLU D 60 17.55 -44.70 12.11
C GLU D 60 16.48 -44.17 11.13
N GLY D 61 15.38 -43.60 11.63
CA GLY D 61 14.38 -42.98 10.74
C GLY D 61 14.54 -41.48 10.47
N VAL D 62 15.59 -40.87 11.03
CA VAL D 62 15.95 -39.48 10.73
C VAL D 62 17.33 -39.50 10.10
N PRO D 63 17.66 -38.50 9.27
CA PRO D 63 19.05 -38.38 8.83
C PRO D 63 20.00 -38.12 9.99
N GLN D 64 21.20 -38.66 9.88
CA GLN D 64 22.27 -38.35 10.81
C GLN D 64 22.69 -36.93 10.60
N VAL D 65 23.04 -36.24 11.70
CA VAL D 65 23.64 -34.92 11.62
C VAL D 65 25.09 -35.08 12.01
N TYR D 66 25.97 -34.40 11.28
CA TYR D 66 27.40 -34.56 11.48
C TYR D 66 28.07 -33.32 12.05
N TYR D 67 27.47 -32.14 11.85
CA TYR D 67 28.08 -30.87 12.23
C TYR D 67 27.06 -29.78 12.29
N PHE D 68 27.23 -28.87 13.25
CA PHE D 68 26.61 -27.54 13.20
C PHE D 68 27.61 -26.46 13.62
N GLY D 69 27.77 -25.46 12.77
CA GLY D 69 28.72 -24.37 13.02
C GLY D 69 28.96 -23.57 11.76
N PRO D 70 29.92 -22.65 11.81
CA PRO D 70 30.28 -21.79 10.66
C PRO D 70 30.85 -22.52 9.43
N GLY D 72 31.90 -20.25 6.67
CA GLY D 72 32.07 -18.94 6.02
C GLY D 72 31.10 -17.87 6.51
N LYS D 73 30.40 -17.21 5.57
CA LYS D 73 29.39 -16.18 5.92
C LYS D 73 28.06 -16.80 6.36
N TYR D 74 28.07 -18.10 6.63
CA TYR D 74 26.89 -18.86 7.01
C TYR D 74 27.19 -19.72 8.23
N ASN D 75 26.11 -20.14 8.90
CA ASN D 75 26.15 -21.29 9.78
C ASN D 75 25.63 -22.47 8.96
N ALA D 76 26.15 -23.66 9.26
CA ALA D 76 25.87 -24.83 8.45
C ALA D 76 25.48 -25.99 9.33
N MET D 77 24.46 -26.73 8.89
CA MET D 77 24.16 -28.04 9.46
C MET D 77 24.40 -29.11 8.39
N VAL D 78 25.32 -30.00 8.70
CA VAL D 78 25.70 -31.05 7.76
C VAL D 78 24.96 -32.32 8.15
N LEU D 79 24.24 -32.86 7.17
CA LEU D 79 23.40 -34.02 7.37
C LEU D 79 23.66 -35.09 6.37
N GLU D 80 23.23 -36.28 6.74
CA GLU D 80 23.19 -37.41 5.84
C GLU D 80 22.37 -37.09 4.62
N LEU D 81 22.84 -37.56 3.48
CA LEU D 81 22.13 -37.36 2.23
C LEU D 81 21.30 -38.60 1.95
N LEU D 82 20.01 -38.36 1.81
CA LEU D 82 19.01 -39.41 1.62
C LEU D 82 18.51 -39.35 0.19
N GLY D 83 17.51 -40.19 -0.14
CA GLY D 83 17.01 -40.31 -1.50
C GLY D 83 15.88 -39.34 -1.76
N PRO D 84 15.07 -39.60 -2.81
CA PRO D 84 13.84 -38.85 -3.14
C PRO D 84 12.74 -38.83 -2.09
N SER D 85 11.90 -37.81 -2.18
CA SER D 85 10.74 -37.66 -1.31
C SER D 85 9.59 -38.52 -1.83
N LEU D 86 8.63 -38.76 -0.97
CA LEU D 86 7.44 -39.48 -1.40
C LEU D 86 6.69 -38.70 -2.47
N GLU D 87 6.81 -37.38 -2.47
CA GLU D 87 6.21 -36.59 -3.53
C GLU D 87 6.94 -36.82 -4.86
N ASP D 88 8.27 -36.83 -4.83
CA ASP D 88 9.05 -37.13 -6.05
C ASP D 88 8.66 -38.49 -6.62
N LEU D 89 8.57 -39.47 -5.75
CA LEU D 89 8.20 -40.84 -6.12
C LEU D 89 6.74 -40.93 -6.55
N PHE D 90 5.89 -40.12 -5.92
CA PHE D 90 4.47 -40.05 -6.26
C PHE D 90 4.31 -39.63 -7.71
N ASP D 91 5.04 -38.57 -8.09
CA ASP D 91 5.07 -38.09 -9.47
C ASP D 91 5.58 -39.17 -10.43
N LEU D 92 6.62 -39.89 -10.02
CA LEU D 92 7.17 -41.00 -10.81
C LEU D 92 6.16 -42.08 -11.09
N CYS D 93 5.26 -42.31 -10.14
CA CYS D 93 4.27 -43.37 -10.26
C CYS D 93 2.92 -42.86 -10.76
N ASP D 94 2.95 -41.79 -11.55
CA ASP D 94 1.74 -41.20 -12.13
C ASP D 94 0.70 -40.83 -11.08
N ARG D 95 1.19 -40.31 -9.96
CA ARG D 95 0.35 -39.64 -9.00
C ARG D 95 -0.77 -40.49 -8.43
N THR D 96 -0.45 -41.77 -8.23
CA THR D 96 -1.30 -42.67 -7.48
C THR D 96 -0.40 -43.80 -6.92
N PHE D 97 -0.72 -44.26 -5.71
CA PHE D 97 -0.01 -45.40 -5.08
C PHE D 97 -0.96 -46.55 -4.85
N THR D 98 -0.46 -47.78 -4.99
CA THR D 98 -1.24 -48.97 -4.63
C THR D 98 -1.40 -49.07 -3.12
N LEU D 99 -2.38 -49.85 -2.71
CA LEU D 99 -2.68 -50.07 -1.29
C LEU D 99 -1.49 -50.64 -0.51
N LYS D 100 -0.78 -51.62 -1.09
CA LYS D 100 0.39 -52.23 -0.44
C LYS D 100 1.41 -51.17 -0.07
N THR D 101 1.72 -50.31 -1.04
CA THR D 101 2.74 -49.28 -0.89
C THR D 101 2.33 -48.26 0.16
N VAL D 102 1.09 -47.78 0.07
CA VAL D 102 0.56 -46.84 1.07
C VAL D 102 0.58 -47.44 2.49
N LEU D 103 0.29 -48.74 2.62
CA LEU D 103 0.31 -49.39 3.93
C LEU D 103 1.71 -49.57 4.49
N MET D 104 2.67 -49.90 3.63
CA MET D 104 4.07 -49.98 4.06
C MET D 104 4.58 -48.61 4.52
N ILE D 105 4.23 -47.58 3.75
CA ILE D 105 4.52 -46.19 4.13
C ILE D 105 3.85 -45.85 5.46
N ALA D 106 2.55 -46.05 5.55
CA ALA D 106 1.78 -45.69 6.73
C ALA D 106 2.25 -46.36 8.02
N ILE D 107 2.57 -47.65 7.97
CA ILE D 107 3.03 -48.39 9.14
C ILE D 107 4.32 -47.77 9.65
N GLN D 108 5.23 -47.51 8.73
CA GLN D 108 6.52 -46.86 9.03
C GLN D 108 6.39 -45.44 9.62
N LEU D 109 5.49 -44.64 9.04
CA LEU D 109 5.30 -43.25 9.48
C LEU D 109 4.52 -43.09 10.78
N ILE D 110 3.57 -43.97 11.08
CA ILE D 110 2.97 -44.00 12.41
C ILE D 110 4.08 -44.22 13.44
N THR D 111 4.93 -45.21 13.17
CA THR D 111 6.06 -45.53 14.01
C THR D 111 7.00 -44.34 14.17
N ARG D 112 7.30 -43.71 13.03
CA ARG D 112 8.21 -42.57 13.00
C ARG D 112 7.64 -41.40 13.84
N MET D 113 6.35 -41.18 13.67
CA MET D 113 5.64 -40.13 14.42
C MET D 113 5.54 -40.49 15.91
N GLU D 114 5.33 -41.76 16.22
CA GLU D 114 5.43 -42.20 17.61
C GLU D 114 6.77 -41.83 18.20
N TYR D 115 7.85 -42.12 17.47
CA TYR D 115 9.18 -41.88 18.06
C TYR D 115 9.48 -40.38 18.24
N VAL D 116 9.01 -39.55 17.30
CA VAL D 116 9.10 -38.11 17.46
C VAL D 116 8.36 -37.66 18.72
N HIS D 117 7.09 -38.07 18.83
CA HIS D 117 6.26 -37.76 19.99
C HIS D 117 6.89 -38.28 21.28
N THR D 118 7.43 -39.50 21.25
CA THR D 118 8.10 -40.08 22.44
C THR D 118 9.25 -39.22 22.94
N LYS D 119 9.87 -38.46 22.04
CA LYS D 119 10.96 -37.55 22.41
C LYS D 119 10.44 -36.15 22.76
N SER D 120 9.15 -36.06 23.09
CA SER D 120 8.49 -34.85 23.59
C SER D 120 8.32 -33.75 22.53
N LEU D 121 8.33 -34.13 21.26
CA LEU D 121 8.20 -33.17 20.16
C LEU D 121 6.99 -33.49 19.30
N ILE D 122 6.29 -32.45 18.86
CA ILE D 122 5.28 -32.56 17.80
C ILE D 122 5.89 -31.93 16.56
N TYR D 123 5.48 -32.44 15.40
CA TYR D 123 6.19 -32.22 14.12
C TYR D 123 5.59 -31.06 13.31
N ARG D 124 4.26 -31.07 13.12
CA ARG D 124 3.53 -29.91 12.61
C ARG D 124 3.87 -29.51 11.16
N ASP D 125 4.51 -30.40 10.41
CA ASP D 125 4.88 -30.13 9.01
C ASP D 125 4.75 -31.37 8.12
N VAL D 126 3.69 -32.14 8.33
CA VAL D 126 3.44 -33.35 7.54
C VAL D 126 3.13 -32.99 6.08
N LYS D 127 3.94 -33.54 5.18
CA LYS D 127 3.66 -33.47 3.75
C LYS D 127 4.59 -34.45 3.08
N PRO D 128 4.24 -34.89 1.85
CA PRO D 128 5.00 -35.94 1.20
C PRO D 128 6.42 -35.51 0.84
N GLU D 129 6.65 -34.22 0.69
CA GLU D 129 7.99 -33.72 0.38
C GLU D 129 8.97 -33.87 1.56
N ASN D 130 8.46 -34.08 2.78
CA ASN D 130 9.29 -34.22 4.00
C ASN D 130 9.55 -35.64 4.46
N PHE D 131 9.16 -36.62 3.64
CA PHE D 131 9.48 -38.01 3.92
C PHE D 131 10.28 -38.57 2.77
N LEU D 132 11.47 -39.08 3.10
CA LEU D 132 12.42 -39.49 2.05
C LEU D 132 12.82 -40.94 2.22
N VAL D 133 12.91 -41.64 1.10
CA VAL D 133 13.52 -42.95 1.11
C VAL D 133 15.03 -42.77 1.32
N GLY D 134 15.70 -43.85 1.69
CA GLY D 134 17.13 -43.78 1.85
C GLY D 134 17.78 -43.59 0.49
N ARG D 135 19.09 -43.42 0.51
CA ARG D 135 19.84 -43.22 -0.70
C ARG D 135 20.01 -44.54 -1.45
N PRO D 136 19.62 -44.58 -2.73
CA PRO D 136 19.77 -45.78 -3.56
C PRO D 136 21.10 -46.49 -3.35
N GLY D 137 21.04 -47.80 -3.17
CA GLY D 137 22.24 -48.58 -2.93
C GLY D 137 22.67 -48.70 -1.48
N THR D 138 22.20 -47.80 -0.60
CA THR D 138 22.58 -47.84 0.84
C THR D 138 21.76 -48.84 1.70
N LYS D 139 22.24 -49.07 2.92
CA LYS D 139 21.71 -50.11 3.82
C LYS D 139 20.24 -49.88 4.12
N ARG D 140 19.91 -48.65 4.53
CA ARG D 140 18.53 -48.24 4.80
C ARG D 140 17.85 -47.59 3.59
N GLN D 141 18.16 -48.02 2.38
CA GLN D 141 17.59 -47.36 1.19
C GLN D 141 16.07 -47.48 1.08
N HIS D 142 15.52 -48.54 1.67
CA HIS D 142 14.09 -48.79 1.60
C HIS D 142 13.27 -48.20 2.76
N ALA D 143 13.97 -47.70 3.77
CA ALA D 143 13.32 -47.08 4.92
C ALA D 143 12.84 -45.69 4.57
N ILE D 144 11.70 -45.28 5.12
CA ILE D 144 11.18 -43.93 4.93
C ILE D 144 11.65 -43.08 6.10
N HIS D 145 12.14 -41.88 5.81
CA HIS D 145 12.78 -41.04 6.80
C HIS D 145 11.96 -39.75 6.95
N ILE D 146 12.09 -39.13 8.11
CA ILE D 146 11.44 -37.84 8.36
C ILE D 146 12.51 -36.73 8.43
N ILE D 147 12.27 -35.65 7.70
CA ILE D 147 13.17 -34.49 7.67
C ILE D 147 12.41 -33.22 7.97
N ASP D 148 13.18 -32.15 8.21
CA ASP D 148 12.68 -30.78 8.30
C ASP D 148 11.85 -30.56 9.56
N PHE D 149 12.56 -30.20 10.62
CA PHE D 149 11.97 -29.92 11.92
C PHE D 149 11.86 -28.42 12.20
N GLY D 150 11.79 -27.63 11.11
CA GLY D 150 11.64 -26.18 11.19
C GLY D 150 10.33 -25.71 11.82
N LEU D 151 9.28 -26.51 11.71
CA LEU D 151 8.00 -26.21 12.37
C LEU D 151 7.76 -26.98 13.65
N ALA D 152 8.70 -27.85 14.03
CA ALA D 152 8.51 -28.70 15.18
C ALA D 152 8.53 -27.89 16.47
N LYS D 153 8.02 -28.49 17.54
CA LYS D 153 7.84 -27.82 18.85
C LYS D 153 7.79 -28.87 19.99
N GLU D 154 8.42 -28.55 21.11
CA GLU D 154 8.28 -29.35 22.33
C GLU D 154 6.86 -29.22 22.88
N TYR D 155 6.16 -30.33 23.07
CA TYR D 155 4.82 -30.29 23.69
C TYR D 155 4.84 -30.69 25.17
N ILE D 156 5.99 -31.08 25.71
CA ILE D 156 6.17 -31.23 27.15
C ILE D 156 7.23 -30.23 27.58
N ASP D 157 6.84 -29.31 28.46
CA ASP D 157 7.77 -28.36 29.09
C ASP D 157 8.79 -29.13 29.96
N PRO D 158 10.09 -28.82 29.78
CA PRO D 158 11.11 -29.73 30.32
C PRO D 158 11.34 -29.54 31.82
N THR D 160 8.71 -28.49 34.03
CA THR D 160 7.46 -28.93 34.66
C THR D 160 7.10 -30.39 34.31
N LYS D 161 7.69 -30.91 33.23
CA LYS D 161 7.39 -32.25 32.71
C LYS D 161 5.91 -32.40 32.34
N LYS D 162 5.21 -31.28 32.12
CA LYS D 162 3.78 -31.26 31.85
C LYS D 162 3.50 -30.80 30.41
N HIS D 163 2.43 -31.35 29.83
CA HIS D 163 1.98 -31.05 28.46
C HIS D 163 1.68 -29.57 28.32
N ILE D 164 2.00 -29.01 27.16
CA ILE D 164 1.73 -27.59 26.92
C ILE D 164 0.23 -27.30 26.99
N PRO D 165 -0.14 -26.08 27.41
CA PRO D 165 -1.56 -25.77 27.60
C PRO D 165 -2.34 -25.66 26.30
N TYR D 166 -3.65 -25.93 26.39
CA TYR D 166 -4.57 -25.68 25.27
C TYR D 166 -4.57 -24.21 24.98
N ARG D 167 -4.67 -23.86 23.71
CA ARG D 167 -4.68 -22.46 23.29
C ARG D 167 -5.41 -22.36 21.96
N GLU D 168 -6.06 -21.22 21.73
CA GLU D 168 -6.80 -20.98 20.50
C GLU D 168 -6.17 -19.81 19.72
N HIS D 169 -6.80 -19.43 18.61
CA HIS D 169 -6.39 -18.26 17.81
C HIS D 169 -4.92 -18.26 17.39
N LYS D 170 -4.34 -19.44 17.17
CA LYS D 170 -3.00 -19.56 16.59
C LYS D 170 -3.09 -19.20 15.12
N SER D 171 -2.01 -18.64 14.59
CA SER D 171 -1.97 -18.19 13.21
C SER D 171 -1.42 -19.33 12.38
N LEU D 172 -1.92 -19.45 11.15
CA LEU D 172 -1.71 -20.65 10.37
C LEU D 172 -0.43 -20.58 9.52
N THR D 173 0.47 -21.49 9.84
CA THR D 173 1.63 -21.81 9.04
C THR D 173 1.53 -23.29 8.82
N GLY D 174 1.91 -23.74 7.63
CA GLY D 174 1.73 -25.15 7.29
C GLY D 174 1.09 -25.31 5.93
N THR D 175 1.19 -26.53 5.41
CA THR D 175 0.67 -26.83 4.08
C THR D 175 -0.79 -27.10 4.32
N ALA D 176 -1.63 -26.19 3.81
CA ALA D 176 -3.08 -26.23 4.06
C ALA D 176 -3.69 -27.60 3.70
N ARG D 177 -3.12 -28.27 2.70
CA ARG D 177 -3.70 -29.49 2.14
C ARG D 177 -3.77 -30.66 3.11
N TYR D 178 -2.77 -30.81 3.97
CA TYR D 178 -2.70 -31.98 4.82
C TYR D 178 -3.11 -31.68 6.25
N MET D 179 -3.23 -30.40 6.63
CA MET D 179 -3.42 -30.08 8.04
C MET D 179 -4.79 -30.53 8.56
N SER D 180 -4.81 -30.83 9.86
CA SER D 180 -5.97 -31.31 10.54
C SER D 180 -7.03 -30.22 10.57
N ILE D 181 -8.26 -30.62 10.84
CA ILE D 181 -9.36 -29.68 10.94
C ILE D 181 -9.15 -28.75 12.12
N ASN D 182 -8.67 -29.27 13.24
CA ASN D 182 -8.45 -28.46 14.45
C ASN D 182 -7.34 -27.43 14.26
N THR D 183 -6.38 -27.75 13.41
CA THR D 183 -5.31 -26.83 13.08
C THR D 183 -5.88 -25.68 12.27
N HIS D 184 -6.70 -26.01 11.26
CA HIS D 184 -7.46 -24.99 10.49
C HIS D 184 -8.22 -24.00 11.41
N LEU D 185 -8.75 -24.51 12.52
CA LEU D 185 -9.57 -23.69 13.43
C LEU D 185 -8.72 -22.77 14.34
N GLY D 186 -7.39 -22.84 14.21
CA GLY D 186 -6.50 -22.00 15.01
C GLY D 186 -6.15 -22.57 16.39
N LYS D 187 -6.44 -23.85 16.64
CA LYS D 187 -6.11 -24.47 17.93
C LYS D 187 -4.61 -24.84 17.95
N GLU D 188 -4.04 -24.79 19.14
CA GLU D 188 -2.69 -25.31 19.38
C GLU D 188 -2.67 -26.76 18.88
N GLN D 189 -1.70 -27.06 18.02
CA GLN D 189 -1.50 -28.42 17.53
C GLN D 189 -0.95 -29.32 18.63
N SER D 190 -1.42 -30.57 18.66
CA SER D 190 -0.87 -31.58 19.56
C SER D 190 -0.64 -32.88 18.76
N ARG D 191 -0.33 -33.95 19.45
CA ARG D 191 0.00 -35.23 18.83
C ARG D 191 -1.05 -35.71 17.83
N ARG D 192 -2.31 -35.57 18.20
CA ARG D 192 -3.41 -35.99 17.33
C ARG D 192 -3.29 -35.41 15.92
N ASP D 193 -2.79 -34.18 15.83
CA ASP D 193 -2.85 -33.41 14.60
C ASP D 193 -1.83 -33.92 13.61
N ASP D 194 -0.72 -34.40 14.15
CA ASP D 194 0.32 -35.03 13.32
C ASP D 194 -0.29 -36.25 12.64
N LEU D 195 -1.02 -37.06 13.41
CA LEU D 195 -1.62 -38.30 12.90
C LEU D 195 -2.77 -38.05 11.91
N GLU D 196 -3.53 -37.00 12.14
CA GLU D 196 -4.64 -36.69 11.26
C GLU D 196 -4.11 -36.24 9.90
N ALA D 197 -3.04 -35.43 9.94
CA ALA D 197 -2.36 -34.98 8.71
C ALA D 197 -1.78 -36.13 7.91
N LEU D 198 -1.21 -37.11 8.62
CA LEU D 198 -0.73 -38.34 7.98
C LEU D 198 -1.88 -39.05 7.27
N GLY D 199 -3.02 -39.13 7.96
CA GLY D 199 -4.22 -39.75 7.42
C GLY D 199 -4.68 -39.10 6.15
N HIS D 200 -4.67 -37.76 6.10
CA HIS D 200 -5.00 -37.01 4.89
C HIS D 200 -4.00 -37.34 3.77
N MET D 201 -2.72 -37.44 4.13
CA MET D 201 -1.69 -37.77 3.15
C MET D 201 -1.83 -39.22 2.61
N PHE D 202 -2.24 -40.16 3.47
CA PHE D 202 -2.51 -41.52 3.00
C PHE D 202 -3.65 -41.54 1.97
N MET D 203 -4.70 -40.75 2.19
CA MET D 203 -5.83 -40.73 1.26
C MET D 203 -5.47 -40.04 -0.04
N TYR D 204 -4.64 -39.01 0.07
CA TYR D 204 -4.02 -38.34 -1.08
C TYR D 204 -3.34 -39.34 -2.03
N PHE D 205 -2.48 -40.16 -1.44
CA PHE D 205 -1.78 -41.23 -2.15
C PHE D 205 -2.73 -42.22 -2.85
N LEU D 206 -3.76 -42.64 -2.13
CA LEU D 206 -4.67 -43.67 -2.61
C LEU D 206 -5.61 -43.17 -3.72
N ARG D 207 -6.16 -41.99 -3.51
CA ARG D 207 -7.09 -41.34 -4.46
C ARG D 207 -6.38 -40.67 -5.62
N GLY D 208 -5.16 -40.21 -5.39
CA GLY D 208 -4.45 -39.41 -6.38
C GLY D 208 -4.56 -37.92 -6.07
N SER D 209 -5.60 -37.56 -5.32
CA SER D 209 -5.84 -36.19 -4.91
C SER D 209 -6.81 -36.11 -3.74
N LEU D 210 -6.89 -34.94 -3.12
CA LEU D 210 -7.86 -34.66 -2.08
C LEU D 210 -8.88 -33.66 -2.62
N PRO D 211 -10.15 -33.76 -2.18
CA PRO D 211 -11.18 -32.93 -2.79
C PRO D 211 -11.08 -31.42 -2.51
N TRP D 212 -10.23 -31.02 -1.56
CA TRP D 212 -10.02 -29.60 -1.28
C TRP D 212 -8.76 -29.05 -1.96
N GLN D 213 -8.08 -29.90 -2.74
CA GLN D 213 -6.99 -29.44 -3.61
C GLN D 213 -7.53 -28.49 -4.67
N GLY D 214 -6.73 -27.47 -4.99
CA GLY D 214 -7.04 -26.54 -6.07
C GLY D 214 -7.95 -25.38 -5.68
N LEU D 215 -8.27 -25.27 -4.39
CA LEU D 215 -9.12 -24.21 -3.89
C LEU D 215 -8.32 -22.92 -3.78
N LYS D 216 -8.93 -21.82 -4.24
CA LYS D 216 -8.30 -20.51 -4.28
C LYS D 216 -9.20 -19.47 -3.61
N ALA D 217 -8.59 -18.45 -3.02
CA ALA D 217 -9.32 -17.43 -2.27
C ALA D 217 -8.67 -16.07 -2.46
N ASP D 218 -9.31 -15.03 -1.94
CA ASP D 218 -8.81 -13.66 -2.04
C ASP D 218 -7.47 -13.47 -1.33
N THR D 219 -7.22 -14.28 -0.29
CA THR D 219 -5.98 -14.25 0.47
C THR D 219 -5.53 -15.65 0.79
N LEU D 220 -4.31 -15.78 1.27
CA LEU D 220 -3.82 -17.07 1.78
C LEU D 220 -4.57 -17.43 3.07
N LYS D 221 -4.87 -16.45 3.90
CA LYS D 221 -5.67 -16.65 5.13
C LYS D 221 -7.04 -17.22 4.79
N GLU D 222 -7.70 -16.60 3.82
CA GLU D 222 -9.00 -17.08 3.35
C GLU D 222 -8.91 -18.43 2.66
N ARG D 223 -7.81 -18.69 1.97
CA ARG D 223 -7.63 -19.99 1.34
C ARG D 223 -7.56 -21.10 2.40
N TYR D 224 -6.81 -20.87 3.47
CA TYR D 224 -6.79 -21.78 4.63
C TYR D 224 -8.24 -22.05 5.11
N GLN D 225 -9.02 -20.97 5.26
CA GLN D 225 -10.39 -21.09 5.75
C GLN D 225 -11.24 -21.93 4.82
N LYS D 226 -11.15 -21.60 3.52
CA LYS D 226 -11.95 -22.29 2.49
C LYS D 226 -11.62 -23.79 2.45
N ILE D 227 -10.35 -24.12 2.56
CA ILE D 227 -9.91 -25.52 2.58
C ILE D 227 -10.45 -26.23 3.82
N GLY D 228 -10.41 -25.53 4.95
CA GLY D 228 -10.94 -26.06 6.21
C GLY D 228 -12.44 -26.30 6.16
N ASP D 229 -13.18 -25.33 5.63
CA ASP D 229 -14.61 -25.50 5.38
C ASP D 229 -14.89 -26.83 4.64
N THR D 230 -14.13 -27.08 3.57
CA THR D 230 -14.36 -28.22 2.69
C THR D 230 -13.97 -29.55 3.35
N LYS D 231 -12.91 -29.54 4.15
CA LYS D 231 -12.55 -30.70 4.95
C LYS D 231 -13.68 -31.03 5.95
N ARG D 232 -14.27 -30.00 6.56
CA ARG D 232 -15.40 -30.17 7.50
C ARG D 232 -16.68 -30.65 6.82
N ALA D 233 -16.88 -30.19 5.58
CA ALA D 233 -18.04 -30.54 4.78
C ALA D 233 -17.84 -31.84 3.98
N THR D 234 -16.71 -32.53 4.16
CA THR D 234 -16.43 -33.78 3.46
C THR D 234 -16.47 -34.92 4.49
N PRO D 235 -17.52 -35.75 4.44
CA PRO D 235 -17.57 -36.87 5.35
C PRO D 235 -16.48 -37.88 5.05
N ILE D 236 -15.94 -38.47 6.11
CA ILE D 236 -14.94 -39.53 5.98
C ILE D 236 -15.43 -40.67 5.09
N GLU D 237 -16.73 -40.93 5.18
CA GLU D 237 -17.38 -41.96 4.41
C GLU D 237 -17.21 -41.68 2.92
N VAL D 238 -17.26 -40.40 2.55
CA VAL D 238 -17.11 -39.96 1.16
C VAL D 238 -15.65 -39.93 0.77
N LEU D 239 -14.83 -39.37 1.64
CA LEU D 239 -13.39 -39.30 1.41
C LEU D 239 -12.77 -40.68 1.16
N CYS D 240 -13.19 -41.65 1.96
CA CYS D 240 -12.62 -43.01 1.89
C CYS D 240 -13.50 -43.98 1.12
N GLU D 241 -14.55 -43.47 0.46
CA GLU D 241 -15.42 -44.28 -0.42
C GLU D 241 -14.57 -45.05 -1.44
N ASN D 242 -14.85 -46.34 -1.56
CA ASN D 242 -14.15 -47.27 -2.46
C ASN D 242 -12.71 -47.60 -2.01
N PHE D 243 -12.39 -47.33 -0.74
CA PHE D 243 -11.13 -47.77 -0.13
C PHE D 243 -11.42 -48.51 1.18
N PRO D 244 -10.48 -49.35 1.66
CA PRO D 244 -10.75 -50.16 2.85
C PRO D 244 -11.24 -49.35 4.06
N GLU D 245 -12.03 -49.99 4.89
CA GLU D 245 -12.65 -49.34 6.06
C GLU D 245 -11.61 -48.87 7.08
N GLU D 246 -10.48 -49.55 7.15
CA GLU D 246 -9.45 -49.15 8.13
C GLU D 246 -8.91 -47.73 7.88
N MET D 247 -8.99 -47.26 6.64
CA MET D 247 -8.62 -45.88 6.33
C MET D 247 -9.56 -44.90 7.04
N ALA D 248 -10.86 -45.15 6.91
CA ALA D 248 -11.89 -44.41 7.61
C ALA D 248 -11.78 -44.61 9.11
N THR D 249 -11.60 -45.86 9.53
CA THR D 249 -11.42 -46.14 10.95
C THR D 249 -10.23 -45.36 11.54
N TYR D 250 -9.10 -45.31 10.82
CA TYR D 250 -7.94 -44.49 11.24
C TYR D 250 -8.30 -43.00 11.35
N LEU D 251 -8.99 -42.48 10.34
CA LEU D 251 -9.35 -41.06 10.35
C LEU D 251 -10.32 -40.69 11.46
N ARG D 252 -11.37 -41.50 11.64
CA ARG D 252 -12.34 -41.26 12.70
C ARG D 252 -11.64 -41.29 14.05
N TYR D 253 -10.79 -42.29 14.26
CA TYR D 253 -10.06 -42.39 15.52
C TYR D 253 -9.35 -41.09 15.84
N VAL D 254 -8.49 -40.69 14.91
CA VAL D 254 -7.60 -39.55 15.15
C VAL D 254 -8.35 -38.23 15.24
N ARG D 255 -9.42 -38.08 14.45
CA ARG D 255 -10.27 -36.88 14.52
C ARG D 255 -10.91 -36.71 15.89
N ARG D 256 -11.22 -37.83 16.55
CA ARG D 256 -11.93 -37.82 17.83
C ARG D 256 -11.00 -37.72 19.07
N LEU D 257 -9.69 -37.74 18.84
CA LEU D 257 -8.71 -37.62 19.93
C LEU D 257 -8.78 -36.26 20.59
N ASP D 258 -8.62 -36.26 21.91
CA ASP D 258 -8.60 -35.05 22.71
C ASP D 258 -7.22 -34.39 22.65
N PHE D 259 -7.19 -33.09 22.89
CA PHE D 259 -5.96 -32.29 22.82
C PHE D 259 -4.79 -32.94 23.53
N PHE D 260 -4.98 -33.27 24.80
CA PHE D 260 -3.91 -33.83 25.63
C PHE D 260 -3.74 -35.35 25.46
N GLU D 261 -4.60 -35.98 24.67
CA GLU D 261 -4.68 -37.45 24.67
C GLU D 261 -3.53 -38.08 23.93
N LYS D 262 -2.96 -39.13 24.55
CA LYS D 262 -1.89 -39.91 23.93
C LYS D 262 -2.51 -40.92 22.98
N PRO D 263 -2.16 -40.86 21.69
CA PRO D 263 -2.73 -41.81 20.74
C PRO D 263 -2.33 -43.26 21.00
N ASP D 264 -3.20 -44.20 20.64
CA ASP D 264 -2.84 -45.61 20.70
C ASP D 264 -2.19 -45.95 19.37
N TYR D 265 -0.87 -45.82 19.34
CA TYR D 265 -0.12 -46.01 18.11
C TYR D 265 -0.17 -47.48 17.69
N ASP D 266 -0.08 -48.38 18.68
CA ASP D 266 -0.17 -49.81 18.43
C ASP D 266 -1.48 -50.21 17.75
N TYR D 267 -2.59 -49.60 18.17
CA TYR D 267 -3.92 -49.85 17.59
C TYR D 267 -4.00 -49.47 16.12
N LEU D 268 -3.53 -48.27 15.83
CA LEU D 268 -3.57 -47.75 14.46
C LEU D 268 -2.70 -48.56 13.53
N ARG D 269 -1.56 -48.97 14.04
CA ARG D 269 -0.65 -49.85 13.32
C ARG D 269 -1.28 -51.21 13.05
N LYS D 270 -1.97 -51.77 14.04
CA LYS D 270 -2.66 -53.06 13.88
C LYS D 270 -3.79 -52.97 12.85
N LEU D 271 -4.49 -51.83 12.81
CA LEU D 271 -5.49 -51.63 11.76
C LEU D 271 -4.88 -51.97 10.42
N PHE D 272 -3.68 -51.45 10.20
CA PHE D 272 -3.03 -51.56 8.92
C PHE D 272 -2.30 -52.85 8.73
N THR D 273 -1.71 -53.39 9.79
CA THR D 273 -0.98 -54.66 9.68
C THR D 273 -1.95 -55.79 9.49
N ASP D 274 -3.12 -55.68 10.11
CA ASP D 274 -4.19 -56.67 9.91
C ASP D 274 -4.67 -56.67 8.46
N LEU D 275 -4.95 -55.50 7.92
CA LEU D 275 -5.40 -55.34 6.55
C LEU D 275 -4.35 -55.85 5.58
N PHE D 276 -3.10 -55.47 5.84
CA PHE D 276 -1.95 -55.84 5.02
C PHE D 276 -1.89 -57.36 4.84
N ASP D 277 -2.00 -58.05 5.97
CA ASP D 277 -2.00 -59.52 6.01
C ASP D 277 -3.21 -60.17 5.34
N ARG D 278 -4.40 -59.68 5.68
CA ARG D 278 -5.63 -60.10 5.04
C ARG D 278 -5.59 -59.90 3.54
N SER D 279 -4.95 -58.84 3.08
CA SER D 279 -4.83 -58.55 1.65
C SER D 279 -3.82 -59.47 0.94
N GLY D 280 -3.11 -60.27 1.72
CA GLY D 280 -2.13 -61.21 1.19
C GLY D 280 -0.80 -60.58 0.85
N PHE D 281 -0.57 -59.37 1.35
CA PHE D 281 0.67 -58.65 1.04
C PHE D 281 1.85 -59.19 1.85
N VAL D 282 3.03 -59.07 1.27
CA VAL D 282 4.28 -59.40 1.96
C VAL D 282 5.07 -58.13 2.14
N PHE D 283 5.63 -57.93 3.34
CA PHE D 283 6.38 -56.71 3.63
C PHE D 283 7.80 -56.77 2.99
N ASP D 284 7.81 -56.76 1.64
CA ASP D 284 8.98 -56.93 0.78
C ASP D 284 9.85 -55.67 0.66
N TYR D 285 9.30 -54.53 1.08
CA TYR D 285 9.80 -53.19 0.70
C TYR D 285 9.84 -52.97 -0.83
N GLU D 286 9.02 -53.71 -1.55
CA GLU D 286 8.91 -53.61 -3.01
C GLU D 286 7.79 -52.63 -3.29
N TYR D 287 8.14 -51.35 -3.34
CA TYR D 287 7.18 -50.28 -3.51
C TYR D 287 6.78 -50.16 -4.99
N ASP D 288 5.80 -49.30 -5.27
CA ASP D 288 5.36 -49.04 -6.64
C ASP D 288 6.51 -48.55 -7.52
N TRP D 289 7.43 -47.82 -6.90
CA TRP D 289 8.59 -47.25 -7.61
C TRP D 289 9.79 -48.20 -7.70
N ALA D 290 9.62 -49.45 -7.29
CA ALA D 290 10.71 -50.43 -7.37
C ALA D 290 11.10 -50.68 -8.83
N GLY D 291 12.41 -50.75 -9.09
CA GLY D 291 12.94 -50.96 -10.44
C GLY D 291 12.98 -49.70 -11.32
N LYS D 292 12.28 -48.64 -10.91
CA LYS D 292 12.28 -47.40 -11.68
C LYS D 292 13.56 -46.59 -11.39
N PRO D 293 14.08 -45.87 -12.40
CA PRO D 293 15.29 -45.08 -12.17
C PRO D 293 14.96 -43.82 -11.35
N LEU D 294 15.58 -43.70 -10.19
CA LEU D 294 15.24 -42.64 -9.24
C LEU D 294 16.14 -41.41 -9.46
N PRO D 295 15.59 -40.19 -9.26
CA PRO D 295 16.41 -38.97 -9.39
C PRO D 295 17.49 -38.80 -8.28
N THR D 296 18.63 -38.21 -8.65
CA THR D 296 19.68 -37.89 -7.69
C THR D 296 20.35 -36.58 -8.09
N PRO D 297 20.80 -35.78 -7.10
CA PRO D 297 21.70 -34.67 -7.41
C PRO D 297 23.11 -35.06 -7.96
N ILE D 298 23.58 -36.31 -7.77
CA ILE D 298 24.89 -36.72 -8.30
C ILE D 298 24.72 -37.30 -9.71
#